data_7TY8
#
_entry.id   7TY8
#
_cell.length_a   1.00
_cell.length_b   1.00
_cell.length_c   1.00
_cell.angle_alpha   90.00
_cell.angle_beta   90.00
_cell.angle_gamma   90.00
#
_symmetry.space_group_name_H-M   'P 1'
#
loop_
_entity.id
_entity.type
_entity.pdbx_description
1 polymer 'Band 3 anion transport protein'
2 branched 2-acetamido-2-deoxy-beta-D-glucopyranose-(1-4)-2-acetamido-2-deoxy-beta-D-glucopyranose
3 non-polymer CHOLESTEROL
4 non-polymer 1,2-DIACYL-SN-GLYCERO-3-PHOSPHOCHOLINE
5 non-polymer '2-{[3-(TRIFLUOROMETHYL)PHENYL]AMINO}NICOTINIC ACID'
6 water water
#
_entity_poly.entity_id   1
_entity_poly.type   'polypeptide(L)'
_entity_poly.pdbx_seq_one_letter_code
;MEELQDDYEDMMEENLEQEEYEDPDIPESQMEEPAAHDTEATATDYHTTSHPGTHKVYVELQELVMDEKNQELRWMEAAR
WVQLEENLGENGAWGRPHLSHLTFWSLLELRRVFTKGTVLLDLQETSLAGVANQLLDRFIFEDQIRPQDREELLRALLLK
HSHAGELEALGGVKPAVLTRSGDPSQPLLPQHSSLETQLFCEQGDGGTEGHSPSGILEKIPPDSEATLVLVGRADFLEQP
VLGFVRLQEAAELEAVELPVPIRFLFVLLGPEAPHIDYTQLGRAAATLMSERVFRIDAYMAQSRGELLHSLEGFLDCSLV
LPPTDAPSEQALLSLVPVQRELLRRRYQSSPAKPDSSFYKGLDLNGGPDDPLQQTGQLFGGLVRDIRRRYPYYLSDITDA
FSPQVLAAVIFIYFAALSPAITFGGLLGEKTRNQMGVSELLISTAVQGILFALLGAQPLLVVGFSGPLLVFEEAFFSFCE
TNGLEYIVGRVWIGFWLILLVVLVVAFEGSFLVRFISRYTQEIFSFLISLIFIYETFSKLIKIFQDHPLQKTYNYNVLMV
PKPQGPLPNTALLSLVLMAGTFFFAMMLRKFKNSSYFPGKLRRVIGDFGVPISILIMVLVDFFIQDTYTQKLSVPDGFKV
SNSSARGWVIHPLGLRSEFPIWMMFASALPALLVFILIFLESQITTLIVSKPERKMVKGSGFHLDLLLVVGMGGVAALFG
MPWLSATTVRSVTHANALTVMGKASTPGAAAQIQEVKEQRISGLLVAVLVGLSILMEPILSRIPLAVLFGIFLYMGVTSL
SGIQLFDRILLLFKPPKYHPDVPYVKRVKTWRMHLFTGIQIICLAVLWVVKSTPASLALPFVLILTVPLRRVLLPLIFRN
VELQCLDADDAKATFDEEEGRDEYDEVAMPV
;
_entity_poly.pdbx_strand_id   A,B
#
# COMPACT_ATOMS: atom_id res chain seq x y z
N ASP A 370 -31.08 28.67 16.50
CA ASP A 370 -30.07 28.41 15.42
C ASP A 370 -28.99 29.50 15.47
N PRO A 371 -27.78 29.25 14.93
CA PRO A 371 -26.68 30.22 15.03
C PRO A 371 -26.85 31.46 14.12
N LEU A 372 -27.49 31.30 12.96
CA LEU A 372 -27.62 32.34 11.90
C LEU A 372 -29.04 32.94 11.89
N GLN A 373 -29.64 33.16 13.06
CA GLN A 373 -30.95 33.86 13.19
C GLN A 373 -30.69 35.38 13.17
N GLN A 374 -31.55 36.13 12.47
CA GLN A 374 -31.51 37.61 12.40
C GLN A 374 -31.99 38.18 13.75
N THR A 375 -31.07 38.70 14.57
CA THR A 375 -31.37 39.30 15.89
C THR A 375 -32.13 40.61 15.68
N GLY A 376 -31.67 41.46 14.76
CA GLY A 376 -32.23 42.80 14.46
C GLY A 376 -31.48 43.88 15.20
N GLN A 377 -31.29 43.69 16.52
CA GLN A 377 -30.43 44.52 17.41
C GLN A 377 -29.01 44.56 16.83
N LEU A 378 -28.41 45.75 16.76
CA LEU A 378 -27.09 46.03 16.11
C LEU A 378 -25.99 45.25 16.85
N PHE A 379 -25.22 44.43 16.12
CA PHE A 379 -24.17 43.51 16.63
C PHE A 379 -24.77 42.46 17.56
N GLY A 380 -26.03 42.07 17.32
CA GLY A 380 -26.71 40.98 18.05
C GLY A 380 -26.09 39.63 17.72
N GLY A 381 -25.66 39.45 16.47
CA GLY A 381 -25.04 38.22 15.94
C GLY A 381 -23.66 37.99 16.54
N LEU A 382 -22.90 39.06 16.76
CA LEU A 382 -21.57 39.02 17.44
C LEU A 382 -21.77 38.70 18.93
N VAL A 383 -22.73 39.36 19.58
CA VAL A 383 -22.98 39.28 21.05
C VAL A 383 -23.54 37.89 21.40
N ARG A 384 -24.47 37.37 20.59
CA ARG A 384 -25.12 36.04 20.84
C ARG A 384 -24.08 34.92 20.65
N ASP A 385 -23.14 35.08 19.72
CA ASP A 385 -22.00 34.15 19.48
C ASP A 385 -21.04 34.17 20.68
N ILE A 386 -20.86 35.34 21.31
CA ILE A 386 -20.07 35.49 22.56
C ILE A 386 -20.87 34.88 23.72
N ARG A 387 -22.17 35.17 23.80
CA ARG A 387 -23.10 34.62 24.83
C ARG A 387 -23.28 33.10 24.63
N ARG A 388 -23.04 32.59 23.42
CA ARG A 388 -23.14 31.14 23.08
C ARG A 388 -21.95 30.38 23.67
N ARG A 389 -20.72 30.72 23.24
CA ARG A 389 -19.52 29.86 23.37
C ARG A 389 -18.77 30.14 24.68
N TYR A 390 -18.64 31.40 25.09
CA TYR A 390 -17.75 31.85 26.19
C TYR A 390 -18.19 31.28 27.54
N PRO A 391 -19.49 30.98 27.79
CA PRO A 391 -19.86 30.17 28.94
C PRO A 391 -19.25 28.76 29.00
N TYR A 392 -18.83 28.21 27.84
CA TYR A 392 -18.13 26.89 27.70
C TYR A 392 -16.61 27.08 27.57
N TYR A 393 -16.05 28.21 28.00
CA TYR A 393 -14.61 28.56 27.81
C TYR A 393 -13.73 27.68 28.68
N LEU A 394 -14.23 27.23 29.84
CA LEU A 394 -13.51 26.29 30.75
C LEU A 394 -13.35 24.93 30.06
N SER A 395 -14.41 24.44 29.43
CA SER A 395 -14.43 23.17 28.63
C SER A 395 -13.56 23.33 27.36
N ASP A 396 -13.45 24.55 26.83
CA ASP A 396 -12.62 24.87 25.64
C ASP A 396 -11.13 24.78 25.97
N ILE A 397 -10.74 24.75 27.25
CA ILE A 397 -9.34 24.55 27.72
C ILE A 397 -9.18 23.12 28.26
N THR A 398 -10.14 22.62 29.05
CA THR A 398 -10.01 21.39 29.89
C THR A 398 -10.33 20.12 29.08
N ASP A 399 -10.76 20.23 27.82
CA ASP A 399 -10.99 19.06 26.92
C ASP A 399 -9.73 18.75 26.10
N ALA A 400 -8.60 19.42 26.38
CA ALA A 400 -7.33 19.31 25.63
C ALA A 400 -6.28 18.51 26.42
N PHE A 401 -6.69 17.81 27.50
CA PHE A 401 -5.79 16.98 28.35
C PHE A 401 -5.70 15.55 27.80
N SER A 402 -6.63 15.15 26.94
CA SER A 402 -6.68 13.80 26.30
C SER A 402 -5.48 13.61 25.38
N PRO A 403 -4.97 12.38 25.18
CA PRO A 403 -3.79 12.14 24.36
C PRO A 403 -4.04 12.33 22.85
N GLN A 404 -5.29 12.19 22.41
CA GLN A 404 -5.73 12.38 21.00
C GLN A 404 -5.50 13.83 20.55
N VAL A 405 -5.58 14.78 21.49
CA VAL A 405 -5.40 16.25 21.24
C VAL A 405 -3.91 16.53 20.95
N LEU A 406 -3.00 15.97 21.76
CA LEU A 406 -1.52 16.11 21.59
C LEU A 406 -1.10 15.53 20.23
N ALA A 407 -1.72 14.41 19.81
CA ALA A 407 -1.51 13.76 18.51
C ALA A 407 -1.99 14.67 17.37
N ALA A 408 -3.07 15.43 17.59
CA ALA A 408 -3.63 16.41 16.63
C ALA A 408 -2.66 17.58 16.46
N VAL A 409 -2.13 18.11 17.58
CA VAL A 409 -1.16 19.24 17.61
C VAL A 409 0.02 18.90 16.70
N ILE A 410 0.63 17.72 16.87
CA ILE A 410 1.82 17.24 16.11
C ILE A 410 1.45 17.14 14.62
N PHE A 411 0.36 16.44 14.31
CA PHE A 411 -0.17 16.22 12.94
C PHE A 411 -0.46 17.58 12.29
N ILE A 412 -1.23 18.43 12.95
CA ILE A 412 -1.77 19.72 12.38
C ILE A 412 -0.66 20.78 12.34
N TYR A 413 0.37 20.68 13.18
CA TYR A 413 1.57 21.57 13.13
C TYR A 413 2.23 21.46 11.76
N PHE A 414 2.60 20.23 11.36
CA PHE A 414 3.25 19.91 10.06
C PHE A 414 2.27 20.22 8.91
N ALA A 415 0.96 20.14 9.16
CA ALA A 415 -0.12 20.50 8.22
C ALA A 415 -0.20 22.03 8.06
N ALA A 416 0.04 22.77 9.15
CA ALA A 416 -0.04 24.24 9.24
C ALA A 416 1.27 24.89 8.79
N LEU A 417 2.42 24.30 9.14
CA LEU A 417 3.78 24.85 8.87
C LEU A 417 4.10 24.81 7.37
N SER A 418 4.05 23.62 6.77
CA SER A 418 4.59 23.32 5.41
C SER A 418 4.00 24.25 4.36
N PRO A 419 2.69 24.61 4.39
CA PRO A 419 2.15 25.63 3.50
C PRO A 419 2.67 27.05 3.76
N ALA A 420 2.96 27.38 5.03
CA ALA A 420 3.56 28.66 5.45
C ALA A 420 4.98 28.79 4.85
N ILE A 421 5.67 27.65 4.69
CA ILE A 421 7.00 27.56 4.00
C ILE A 421 6.79 27.61 2.48
N THR A 422 5.82 26.83 1.97
CA THR A 422 5.52 26.67 0.52
C THR A 422 5.05 28.01 -0.06
N PHE A 423 3.94 28.56 0.44
CA PHE A 423 3.33 29.83 -0.01
C PHE A 423 4.25 31.00 0.32
N GLY A 424 4.95 30.94 1.45
CA GLY A 424 5.93 32.00 1.77
C GLY A 424 6.94 32.12 0.65
N GLY A 425 7.63 31.02 0.33
CA GLY A 425 8.62 31.02 -0.76
C GLY A 425 8.04 31.53 -2.07
N LEU A 426 6.81 31.13 -2.40
CA LEU A 426 6.09 31.52 -3.65
C LEU A 426 5.80 33.02 -3.65
N LEU A 427 5.44 33.58 -2.49
CA LEU A 427 5.21 35.04 -2.39
C LEU A 427 6.54 35.75 -2.62
N GLY A 428 7.49 35.59 -1.70
CA GLY A 428 8.82 36.20 -1.85
C GLY A 428 9.29 36.11 -3.30
N GLU A 429 9.36 34.90 -3.85
CA GLU A 429 9.83 34.71 -5.25
C GLU A 429 9.13 35.71 -6.17
N LYS A 430 7.82 35.92 -6.00
CA LYS A 430 6.95 36.71 -6.91
C LYS A 430 6.89 38.19 -6.51
N THR A 431 7.04 38.49 -5.21
CA THR A 431 6.92 39.89 -4.67
C THR A 431 8.28 40.48 -4.28
N ARG A 432 9.37 39.88 -4.75
CA ARG A 432 10.77 40.35 -4.50
C ARG A 432 11.00 40.53 -2.99
N ASN A 433 10.60 39.54 -2.18
CA ASN A 433 10.86 39.57 -0.72
C ASN A 433 10.07 40.67 0.00
N GLN A 434 9.12 41.32 -0.69
CA GLN A 434 8.26 42.30 0.04
C GLN A 434 7.53 41.52 1.13
N MET A 435 7.02 40.33 0.82
CA MET A 435 6.40 39.46 1.85
C MET A 435 6.79 38.02 1.54
N GLY A 436 7.44 37.32 2.48
CA GLY A 436 7.93 35.97 2.17
C GLY A 436 7.60 34.95 3.25
N VAL A 437 8.58 34.13 3.64
CA VAL A 437 8.31 33.02 4.61
C VAL A 437 8.18 33.63 6.01
N SER A 438 9.06 34.56 6.36
CA SER A 438 9.12 35.24 7.68
C SER A 438 7.83 35.97 8.04
N GLU A 439 7.23 36.70 7.08
CA GLU A 439 5.99 37.48 7.37
C GLU A 439 4.79 36.54 7.46
N LEU A 440 4.75 35.49 6.65
CA LEU A 440 3.63 34.51 6.61
C LEU A 440 3.69 33.71 7.92
N LEU A 441 4.87 33.27 8.34
CA LEU A 441 5.06 32.50 9.60
C LEU A 441 4.61 33.34 10.81
N ILE A 442 4.96 34.63 10.85
CA ILE A 442 4.63 35.55 12.00
C ILE A 442 3.12 35.83 11.99
N SER A 443 2.55 36.10 10.81
CA SER A 443 1.08 36.27 10.58
C SER A 443 0.32 35.03 11.09
N THR A 444 0.65 33.87 10.52
CA THR A 444 0.05 32.53 10.84
C THR A 444 0.21 32.22 12.33
N ALA A 445 1.31 32.66 12.96
CA ALA A 445 1.58 32.47 14.40
C ALA A 445 0.70 33.41 15.23
N VAL A 446 0.79 34.72 14.95
CA VAL A 446 0.11 35.82 15.70
C VAL A 446 -1.41 35.62 15.62
N GLN A 447 -1.97 35.62 14.41
CA GLN A 447 -3.43 35.51 14.15
C GLN A 447 -3.98 34.19 14.72
N GLY A 448 -3.20 33.11 14.62
CA GLY A 448 -3.53 31.78 15.14
C GLY A 448 -3.71 31.80 16.65
N ILE A 449 -2.79 32.45 17.39
CA ILE A 449 -2.82 32.55 18.88
C ILE A 449 -4.06 33.35 19.31
N LEU A 450 -4.26 34.53 18.69
CA LEU A 450 -5.43 35.41 18.96
C LEU A 450 -6.72 34.63 18.71
N PHE A 451 -6.87 34.05 17.52
CA PHE A 451 -8.09 33.32 17.07
C PHE A 451 -8.32 32.07 17.94
N ALA A 452 -7.25 31.40 18.36
CA ALA A 452 -7.30 30.23 19.28
C ALA A 452 -7.95 30.65 20.60
N LEU A 453 -7.62 31.85 21.11
CA LEU A 453 -8.07 32.35 22.43
C LEU A 453 -9.43 33.05 22.33
N LEU A 454 -9.75 33.69 21.20
CA LEU A 454 -10.93 34.58 21.04
C LEU A 454 -12.00 33.98 20.11
N GLY A 455 -11.63 33.04 19.23
CA GLY A 455 -12.53 32.50 18.18
C GLY A 455 -13.73 31.76 18.75
N ALA A 456 -14.85 31.79 18.01
CA ALA A 456 -16.11 31.11 18.34
C ALA A 456 -15.99 29.60 18.02
N GLN A 457 -15.26 29.26 16.96
CA GLN A 457 -14.90 27.87 16.58
C GLN A 457 -13.38 27.76 16.50
N PRO A 458 -12.69 27.44 17.63
CA PRO A 458 -11.23 27.25 17.64
C PRO A 458 -10.71 26.15 16.70
N LEU A 459 -11.54 25.15 16.38
CA LEU A 459 -11.21 24.02 15.46
C LEU A 459 -10.88 24.56 14.05
N LEU A 460 -11.43 25.73 13.67
CA LEU A 460 -11.01 26.47 12.45
C LEU A 460 -9.53 26.83 12.59
N VAL A 461 -8.68 26.25 11.73
CA VAL A 461 -7.21 26.53 11.67
C VAL A 461 -6.99 27.67 10.68
N VAL A 462 -6.63 28.86 11.18
CA VAL A 462 -6.44 30.10 10.36
C VAL A 462 -5.06 30.03 9.69
N GLY A 463 -4.99 30.33 8.39
CA GLY A 463 -3.73 30.35 7.62
C GLY A 463 -3.93 30.77 6.17
N PHE A 464 -2.82 30.93 5.44
CA PHE A 464 -2.78 31.46 4.06
C PHE A 464 -3.05 30.32 3.07
N SER A 465 -3.75 30.64 1.98
CA SER A 465 -4.32 29.68 1.00
C SER A 465 -3.95 30.08 -0.43
N GLY A 466 -4.11 29.14 -1.37
CA GLY A 466 -3.97 29.37 -2.82
C GLY A 466 -4.80 30.57 -3.29
N PRO A 467 -6.12 30.63 -2.97
CA PRO A 467 -6.94 31.81 -3.23
C PRO A 467 -6.27 33.17 -2.93
N LEU A 468 -5.63 33.27 -1.77
CA LEU A 468 -4.93 34.51 -1.32
C LEU A 468 -3.63 34.66 -2.12
N LEU A 469 -2.84 33.59 -2.27
CA LEU A 469 -1.59 33.55 -3.08
C LEU A 469 -1.86 34.19 -4.46
N VAL A 470 -2.96 33.79 -5.10
CA VAL A 470 -3.34 34.26 -6.47
C VAL A 470 -3.66 35.76 -6.44
N PHE A 471 -4.23 36.25 -5.34
CA PHE A 471 -4.53 37.70 -5.15
C PHE A 471 -3.22 38.47 -4.93
N GLU A 472 -2.42 38.09 -3.93
CA GLU A 472 -1.20 38.87 -3.62
C GLU A 472 -0.38 39.07 -4.88
N GLU A 473 -0.10 38.00 -5.63
CA GLU A 473 0.73 38.09 -6.86
C GLU A 473 0.02 38.94 -7.91
N ALA A 474 -1.32 38.89 -7.97
CA ALA A 474 -2.16 39.65 -8.93
C ALA A 474 -2.16 41.14 -8.56
N PHE A 475 -2.10 41.48 -7.26
CA PHE A 475 -2.07 42.88 -6.77
C PHE A 475 -0.66 43.47 -6.96
N PHE A 476 0.39 42.66 -6.76
CA PHE A 476 1.80 43.02 -7.04
C PHE A 476 1.94 43.34 -8.52
N SER A 477 1.56 42.40 -9.41
CA SER A 477 1.63 42.52 -10.89
C SER A 477 0.96 43.83 -11.36
N PHE A 478 -0.13 44.24 -10.70
CA PHE A 478 -0.86 45.51 -10.95
C PHE A 478 -0.03 46.69 -10.39
N CYS A 479 0.43 46.58 -9.14
CA CYS A 479 1.15 47.65 -8.40
C CYS A 479 2.43 48.08 -9.13
N GLU A 480 3.18 47.13 -9.69
CA GLU A 480 4.44 47.39 -10.45
C GLU A 480 4.11 48.19 -11.72
N THR A 481 3.06 47.78 -12.44
CA THR A 481 2.57 48.40 -13.71
C THR A 481 2.16 49.85 -13.46
N ASN A 482 1.36 50.10 -12.41
CA ASN A 482 0.79 51.43 -12.06
C ASN A 482 1.78 52.26 -11.24
N GLY A 483 2.92 51.69 -10.83
CA GLY A 483 4.01 52.39 -10.12
C GLY A 483 3.63 52.70 -8.69
N LEU A 484 3.10 51.71 -7.98
CA LEU A 484 2.56 51.82 -6.60
C LEU A 484 3.37 50.91 -5.67
N GLU A 485 3.65 51.38 -4.44
CA GLU A 485 4.35 50.60 -3.39
C GLU A 485 3.44 49.45 -2.94
N TYR A 486 3.73 48.22 -3.36
CA TYR A 486 2.84 47.07 -3.02
C TYR A 486 2.60 46.97 -1.51
N ILE A 487 3.66 46.83 -0.72
CA ILE A 487 3.48 46.62 0.76
C ILE A 487 2.64 47.74 1.37
N VAL A 488 2.56 48.90 0.70
CA VAL A 488 1.77 50.06 1.20
C VAL A 488 0.31 49.90 0.73
N GLY A 489 0.12 49.56 -0.54
CA GLY A 489 -1.19 49.38 -1.20
C GLY A 489 -2.08 48.38 -0.47
N ARG A 490 -1.50 47.42 0.24
CA ARG A 490 -2.28 46.41 0.99
C ARG A 490 -2.79 47.01 2.29
N VAL A 491 -2.03 47.93 2.90
CA VAL A 491 -2.43 48.59 4.18
C VAL A 491 -3.78 49.29 3.97
N TRP A 492 -4.02 49.82 2.77
CA TRP A 492 -5.31 50.46 2.37
C TRP A 492 -6.39 49.38 2.24
N ILE A 493 -6.11 48.32 1.47
CA ILE A 493 -6.98 47.12 1.31
C ILE A 493 -7.37 46.62 2.70
N GLY A 494 -6.41 46.63 3.64
CA GLY A 494 -6.62 46.24 5.05
C GLY A 494 -7.68 47.09 5.73
N PHE A 495 -7.60 48.42 5.60
CA PHE A 495 -8.53 49.39 6.23
C PHE A 495 -9.96 49.14 5.75
N TRP A 496 -10.13 48.81 4.47
CA TRP A 496 -11.45 48.52 3.85
C TRP A 496 -11.97 47.16 4.34
N LEU A 497 -11.10 46.16 4.48
CA LEU A 497 -11.45 44.85 5.08
C LEU A 497 -11.87 45.04 6.54
N ILE A 498 -11.21 45.94 7.28
CA ILE A 498 -11.57 46.31 8.68
C ILE A 498 -12.91 47.04 8.68
N LEU A 499 -13.17 47.89 7.67
CA LEU A 499 -14.42 48.67 7.54
C LEU A 499 -15.57 47.73 7.15
N LEU A 500 -15.41 46.98 6.05
CA LEU A 500 -16.47 46.13 5.44
C LEU A 500 -16.94 45.04 6.41
N VAL A 501 -16.01 44.43 7.16
CA VAL A 501 -16.33 43.30 8.09
C VAL A 501 -17.19 43.81 9.25
N VAL A 502 -16.87 44.98 9.80
CA VAL A 502 -17.62 45.62 10.93
C VAL A 502 -19.02 45.98 10.43
N LEU A 503 -19.12 46.56 9.23
CA LEU A 503 -20.40 46.93 8.55
C LEU A 503 -21.26 45.68 8.34
N VAL A 504 -20.65 44.54 7.98
CA VAL A 504 -21.34 43.24 7.77
C VAL A 504 -21.78 42.68 9.13
N VAL A 505 -20.87 42.61 10.10
CA VAL A 505 -21.12 42.07 11.47
C VAL A 505 -22.16 42.94 12.20
N ALA A 506 -22.22 44.24 11.89
CA ALA A 506 -23.21 45.20 12.43
C ALA A 506 -24.63 44.78 12.06
N PHE A 507 -24.88 44.50 10.77
CA PHE A 507 -26.22 44.17 10.21
C PHE A 507 -26.46 42.64 10.25
N GLU A 508 -25.63 41.89 10.99
CA GLU A 508 -25.67 40.40 11.09
C GLU A 508 -25.69 39.79 9.68
N GLY A 509 -24.85 40.30 8.77
CA GLY A 509 -24.72 39.82 7.38
C GLY A 509 -24.17 38.40 7.30
N SER A 510 -23.49 37.94 8.35
CA SER A 510 -22.97 36.55 8.50
C SER A 510 -24.12 35.53 8.63
N PHE A 511 -25.36 35.99 8.77
CA PHE A 511 -26.59 35.14 8.77
C PHE A 511 -26.72 34.42 7.42
N LEU A 512 -26.32 35.07 6.31
CA LEU A 512 -26.45 34.57 4.91
C LEU A 512 -25.87 33.14 4.78
N VAL A 513 -24.94 32.78 5.67
CA VAL A 513 -24.40 31.40 5.88
C VAL A 513 -25.52 30.35 5.91
N ARG A 514 -26.68 30.67 6.52
CA ARG A 514 -27.84 29.74 6.62
C ARG A 514 -28.27 29.28 5.22
N PHE A 515 -28.17 30.17 4.22
CA PHE A 515 -28.61 29.92 2.82
C PHE A 515 -27.59 29.08 2.05
N ILE A 516 -26.34 28.99 2.54
CA ILE A 516 -25.30 28.07 1.99
C ILE A 516 -25.76 26.64 2.30
N SER A 517 -26.23 25.93 1.28
CA SER A 517 -26.79 24.56 1.37
C SER A 517 -25.64 23.53 1.34
N ARG A 518 -25.94 22.30 1.77
CA ARG A 518 -25.01 21.13 1.67
C ARG A 518 -24.44 21.06 0.25
N TYR A 519 -25.32 21.07 -0.77
CA TYR A 519 -24.90 21.01 -2.20
C TYR A 519 -23.64 21.84 -2.41
N THR A 520 -23.69 23.12 -2.05
CA THR A 520 -22.51 24.03 -2.24
C THR A 520 -21.37 23.63 -1.31
N GLN A 521 -21.68 23.37 -0.03
CA GLN A 521 -20.69 22.92 1.00
C GLN A 521 -19.97 21.66 0.51
N GLU A 522 -20.71 20.76 -0.16
CA GLU A 522 -20.19 19.50 -0.76
C GLU A 522 -19.21 19.84 -1.90
N ILE A 523 -19.64 20.68 -2.85
CA ILE A 523 -18.82 21.14 -4.01
C ILE A 523 -17.55 21.81 -3.50
N PHE A 524 -17.68 22.64 -2.46
CA PHE A 524 -16.55 23.31 -1.75
C PHE A 524 -15.66 22.27 -1.08
N SER A 525 -16.25 21.34 -0.33
CA SER A 525 -15.55 20.24 0.39
C SER A 525 -14.74 19.40 -0.61
N PHE A 526 -15.34 19.09 -1.76
CA PHE A 526 -14.77 18.19 -2.80
C PHE A 526 -13.67 18.93 -3.57
N LEU A 527 -14.01 20.07 -4.20
CA LEU A 527 -13.11 20.85 -5.10
C LEU A 527 -11.77 21.10 -4.40
N ILE A 528 -11.78 21.53 -3.14
CA ILE A 528 -10.56 21.91 -2.38
C ILE A 528 -9.78 20.63 -2.04
N SER A 529 -10.47 19.53 -1.71
CA SER A 529 -9.87 18.20 -1.42
C SER A 529 -9.13 17.70 -2.67
N LEU A 530 -9.72 17.86 -3.85
CA LEU A 530 -9.10 17.51 -5.16
C LEU A 530 -7.84 18.37 -5.39
N ILE A 531 -7.93 19.67 -5.14
CA ILE A 531 -6.84 20.67 -5.34
C ILE A 531 -5.65 20.29 -4.43
N PHE A 532 -5.93 20.05 -3.15
CA PHE A 532 -4.93 19.69 -2.10
C PHE A 532 -4.23 18.38 -2.46
N ILE A 533 -4.95 17.45 -3.10
CA ILE A 533 -4.40 16.17 -3.63
C ILE A 533 -3.56 16.46 -4.88
N TYR A 534 -4.07 17.31 -5.79
CA TYR A 534 -3.41 17.67 -7.07
C TYR A 534 -2.09 18.41 -6.77
N GLU A 535 -2.11 19.35 -5.83
CA GLU A 535 -0.93 20.16 -5.41
C GLU A 535 0.14 19.24 -4.80
N THR A 536 -0.26 18.23 -4.04
CA THR A 536 0.63 17.25 -3.37
C THR A 536 1.42 16.45 -4.41
N PHE A 537 0.74 15.95 -5.45
CA PHE A 537 1.34 15.13 -6.53
C PHE A 537 2.25 15.99 -7.41
N SER A 538 1.82 17.21 -7.75
CA SER A 538 2.59 18.19 -8.56
C SER A 538 3.87 18.51 -7.78
N LYS A 539 3.82 18.46 -6.44
CA LYS A 539 4.99 18.67 -5.55
C LYS A 539 6.01 17.52 -5.70
N LEU A 540 5.52 16.28 -5.80
CA LEU A 540 6.36 15.07 -6.10
C LEU A 540 6.83 15.02 -7.56
N ILE A 541 5.95 15.32 -8.52
CA ILE A 541 6.27 15.38 -9.98
C ILE A 541 7.45 16.34 -10.20
N LYS A 542 7.50 17.45 -9.45
CA LYS A 542 8.54 18.51 -9.56
C LYS A 542 9.93 17.95 -9.21
N ILE A 543 10.02 16.96 -8.32
CA ILE A 543 11.30 16.34 -7.90
C ILE A 543 11.86 15.52 -9.07
N PHE A 544 10.99 14.88 -9.85
CA PHE A 544 11.35 14.04 -11.02
C PHE A 544 11.75 14.95 -12.19
N GLN A 545 11.15 16.13 -12.28
CA GLN A 545 11.53 17.18 -13.26
C GLN A 545 12.90 17.77 -12.89
N ASP A 546 13.14 17.97 -11.58
CA ASP A 546 14.37 18.60 -11.03
C ASP A 546 15.52 17.59 -10.94
N HIS A 547 15.22 16.31 -10.69
CA HIS A 547 16.22 15.20 -10.54
C HIS A 547 15.78 13.99 -11.36
N PRO A 548 15.68 14.09 -12.71
CA PRO A 548 15.21 12.99 -13.55
C PRO A 548 16.11 11.75 -13.50
N LEU A 549 15.53 10.59 -13.82
CA LEU A 549 16.25 9.29 -13.94
C LEU A 549 17.10 9.34 -15.22
N GLN A 550 18.38 9.67 -15.07
CA GLN A 550 19.38 9.81 -16.16
C GLN A 550 20.36 8.64 -16.10
N LYS A 551 21.03 8.35 -17.22
CA LYS A 551 22.10 7.30 -17.31
C LYS A 551 23.36 7.81 -16.61
N THR A 552 23.66 9.12 -16.73
CA THR A 552 24.86 9.78 -16.13
C THR A 552 24.42 11.02 -15.33
N TYR A 553 25.24 11.42 -14.35
CA TYR A 553 25.04 12.58 -13.44
C TYR A 553 26.40 13.26 -13.19
N ASN A 554 26.42 14.59 -13.23
CA ASN A 554 27.63 15.43 -12.96
C ASN A 554 27.70 15.71 -11.45
N TYR A 555 28.82 15.35 -10.82
CA TYR A 555 29.07 15.49 -9.36
C TYR A 555 29.92 16.74 -9.07
N ASN A 556 30.24 17.53 -10.11
CA ASN A 556 30.85 18.87 -9.99
C ASN A 556 29.73 19.92 -9.97
N VAL A 557 28.87 19.84 -8.95
CA VAL A 557 27.66 20.70 -8.75
C VAL A 557 27.63 21.17 -7.29
N LEU A 558 27.32 22.44 -7.07
CA LEU A 558 27.18 23.08 -5.73
C LEU A 558 25.87 22.63 -5.05
N MET A 559 25.87 22.45 -3.73
CA MET A 559 24.67 22.13 -2.91
C MET A 559 24.38 23.13 -1.76
N VAL A 560 25.13 24.24 -1.71
CA VAL A 560 24.96 25.35 -0.72
C VAL A 560 23.58 25.99 -0.77
N PRO A 561 23.13 26.60 -1.90
CA PRO A 561 21.76 27.09 -2.01
C PRO A 561 20.76 25.92 -2.14
N LYS A 562 21.10 24.96 -3.00
CA LYS A 562 20.36 23.69 -3.31
C LYS A 562 21.11 23.02 -4.46
N PRO A 563 20.86 21.72 -4.77
CA PRO A 563 21.45 21.12 -5.96
C PRO A 563 21.19 21.95 -7.22
N GLN A 564 22.26 22.33 -7.93
CA GLN A 564 22.19 23.17 -9.17
C GLN A 564 21.62 22.30 -10.30
N GLY A 565 22.30 21.19 -10.59
CA GLY A 565 21.91 20.21 -11.62
C GLY A 565 21.24 18.99 -10.98
N PRO A 566 20.78 18.00 -11.79
CA PRO A 566 20.10 16.82 -11.27
C PRO A 566 21.05 15.85 -10.56
N LEU A 567 20.51 15.03 -9.66
CA LEU A 567 21.26 14.09 -8.78
C LEU A 567 20.64 12.69 -8.89
N PRO A 568 21.42 11.61 -8.63
CA PRO A 568 20.88 10.26 -8.58
C PRO A 568 20.23 9.93 -7.22
N ASN A 569 19.21 9.05 -7.24
CA ASN A 569 18.57 8.43 -6.04
C ASN A 569 17.67 9.42 -5.29
N THR A 570 17.48 10.65 -5.78
CA THR A 570 16.77 11.75 -5.08
C THR A 570 15.26 11.59 -5.26
N ALA A 571 14.83 11.36 -6.50
CA ALA A 571 13.42 11.36 -6.92
C ALA A 571 12.71 10.08 -6.44
N LEU A 572 13.34 8.92 -6.60
CA LEU A 572 12.73 7.61 -6.22
C LEU A 572 12.69 7.47 -4.70
N LEU A 573 13.73 7.92 -3.99
CA LEU A 573 13.75 7.89 -2.49
C LEU A 573 12.62 8.77 -1.98
N SER A 574 12.41 9.94 -2.62
CA SER A 574 11.28 10.86 -2.35
C SER A 574 9.95 10.13 -2.53
N LEU A 575 9.74 9.51 -3.70
CA LEU A 575 8.55 8.66 -4.02
C LEU A 575 8.37 7.60 -2.93
N VAL A 576 9.45 6.90 -2.57
CA VAL A 576 9.46 5.83 -1.52
C VAL A 576 9.11 6.45 -0.16
N LEU A 577 9.66 7.63 0.15
CA LEU A 577 9.43 8.35 1.44
C LEU A 577 7.97 8.82 1.52
N MET A 578 7.39 9.27 0.40
CA MET A 578 5.97 9.69 0.29
C MET A 578 5.07 8.45 0.47
N ALA A 579 5.24 7.46 -0.42
CA ALA A 579 4.46 6.20 -0.46
C ALA A 579 4.52 5.47 0.89
N GLY A 580 5.68 5.49 1.55
CA GLY A 580 5.90 4.86 2.86
C GLY A 580 5.07 5.49 3.96
N THR A 581 5.10 6.82 4.05
CA THR A 581 4.40 7.63 5.11
C THR A 581 2.90 7.50 4.92
N PHE A 582 2.41 7.60 3.67
CA PHE A 582 0.98 7.47 3.30
C PHE A 582 0.46 6.06 3.62
N PHE A 583 1.27 5.04 3.31
CA PHE A 583 1.01 3.62 3.68
C PHE A 583 0.85 3.51 5.20
N PHE A 584 1.88 3.90 5.96
CA PHE A 584 1.90 3.87 7.44
C PHE A 584 0.76 4.71 8.03
N ALA A 585 0.28 5.74 7.31
CA ALA A 585 -0.86 6.59 7.71
C ALA A 585 -2.16 5.79 7.59
N MET A 586 -2.39 5.18 6.41
CA MET A 586 -3.65 4.48 6.06
C MET A 586 -3.80 3.19 6.87
N MET A 587 -2.70 2.44 7.05
CA MET A 587 -2.69 1.16 7.84
C MET A 587 -2.99 1.46 9.31
N LEU A 588 -2.48 2.58 9.85
CA LEU A 588 -2.71 3.00 11.26
C LEU A 588 -4.15 3.52 11.43
N ARG A 589 -4.74 4.10 10.38
CA ARG A 589 -6.18 4.49 10.34
C ARG A 589 -7.04 3.22 10.29
N LYS A 590 -6.63 2.22 9.53
CA LYS A 590 -7.27 0.88 9.46
C LYS A 590 -7.12 0.17 10.82
N PHE A 591 -5.93 0.25 11.42
CA PHE A 591 -5.58 -0.37 12.73
C PHE A 591 -6.40 0.28 13.87
N LYS A 592 -6.61 1.60 13.81
CA LYS A 592 -7.34 2.40 14.82
C LYS A 592 -8.70 1.75 15.12
N ASN A 593 -9.49 1.45 14.07
CA ASN A 593 -10.85 0.87 14.16
C ASN A 593 -10.81 -0.62 13.81
N SER A 594 -9.72 -1.32 14.18
CA SER A 594 -9.51 -2.78 13.97
C SER A 594 -9.78 -3.53 15.27
N SER A 595 -9.58 -4.85 15.26
CA SER A 595 -9.89 -5.79 16.37
C SER A 595 -8.61 -6.21 17.13
N TYR A 596 -7.43 -5.96 16.56
CA TYR A 596 -6.11 -6.42 17.11
C TYR A 596 -5.69 -5.50 18.25
N PHE A 597 -4.90 -6.04 19.20
CA PHE A 597 -4.28 -5.34 20.36
C PHE A 597 -5.35 -4.87 21.34
N PRO A 598 -5.00 -4.60 22.62
CA PRO A 598 -5.97 -4.11 23.61
C PRO A 598 -6.50 -2.71 23.27
N GLY A 599 -7.76 -2.44 23.61
CA GLY A 599 -8.52 -1.22 23.26
C GLY A 599 -7.81 0.06 23.68
N LYS A 600 -7.18 0.07 24.85
CA LYS A 600 -6.46 1.24 25.43
C LYS A 600 -5.23 1.56 24.57
N LEU A 601 -4.50 0.54 24.12
CA LEU A 601 -3.24 0.70 23.34
C LEU A 601 -3.54 0.92 21.86
N ARG A 602 -4.60 0.29 21.33
CA ARG A 602 -4.99 0.35 19.90
C ARG A 602 -5.44 1.77 19.53
N ARG A 603 -6.21 2.43 20.41
CA ARG A 603 -6.75 3.81 20.17
C ARG A 603 -5.59 4.82 20.20
N VAL A 604 -4.65 4.68 21.16
CA VAL A 604 -3.48 5.59 21.33
C VAL A 604 -2.62 5.53 20.06
N ILE A 605 -2.27 4.32 19.62
CA ILE A 605 -1.48 4.06 18.37
C ILE A 605 -2.26 4.62 17.17
N GLY A 606 -3.58 4.42 17.13
CA GLY A 606 -4.46 4.94 16.07
C GLY A 606 -4.56 6.45 16.08
N ASP A 607 -4.66 7.06 17.27
CA ASP A 607 -4.76 8.53 17.48
C ASP A 607 -3.44 9.19 17.09
N PHE A 608 -2.30 8.63 17.51
CA PHE A 608 -0.93 9.03 17.09
C PHE A 608 -0.55 8.28 15.81
N GLY A 609 -1.43 8.30 14.81
CA GLY A 609 -1.27 7.57 13.53
C GLY A 609 -0.24 8.26 12.65
N VAL A 610 -0.48 9.54 12.35
CA VAL A 610 0.38 10.40 11.47
C VAL A 610 1.70 10.71 12.18
N PRO A 611 1.73 11.11 13.47
CA PRO A 611 2.98 11.23 14.22
C PRO A 611 3.93 10.03 14.12
N ILE A 612 3.39 8.80 14.18
CA ILE A 612 4.18 7.54 14.04
C ILE A 612 4.57 7.35 12.56
N SER A 613 3.64 7.61 11.63
CA SER A 613 3.86 7.52 10.16
C SER A 613 5.06 8.38 9.75
N ILE A 614 5.10 9.63 10.23
CA ILE A 614 6.19 10.62 9.94
C ILE A 614 7.48 10.13 10.60
N LEU A 615 7.45 9.90 11.92
CA LEU A 615 8.62 9.54 12.76
C LEU A 615 9.41 8.38 12.12
N ILE A 616 8.71 7.34 11.64
CA ILE A 616 9.30 6.16 10.97
C ILE A 616 10.08 6.64 9.73
N MET A 617 9.39 7.30 8.80
CA MET A 617 9.92 7.63 7.44
C MET A 617 10.90 8.81 7.51
N VAL A 618 10.88 9.60 8.58
CA VAL A 618 11.92 10.64 8.87
C VAL A 618 13.21 9.92 9.32
N LEU A 619 13.09 8.87 10.14
CA LEU A 619 14.25 8.05 10.60
C LEU A 619 14.81 7.23 9.44
N VAL A 620 13.94 6.73 8.54
CA VAL A 620 14.33 6.00 7.29
C VAL A 620 15.40 6.82 6.56
N ASP A 621 15.10 8.09 6.28
CA ASP A 621 15.93 9.00 5.46
C ASP A 621 17.17 9.46 6.26
N PHE A 622 17.07 9.55 7.58
CA PHE A 622 18.19 9.93 8.49
C PHE A 622 19.33 8.91 8.37
N PHE A 623 19.00 7.62 8.26
CA PHE A 623 19.98 6.49 8.19
C PHE A 623 20.46 6.28 6.75
N ILE A 624 19.88 6.97 5.76
CA ILE A 624 20.45 7.12 4.39
C ILE A 624 21.36 8.36 4.38
N GLN A 625 22.68 8.14 4.43
CA GLN A 625 23.70 9.21 4.62
C GLN A 625 23.95 9.93 3.30
N ASP A 626 24.19 9.17 2.22
CA ASP A 626 24.74 9.65 0.92
C ASP A 626 23.68 10.44 0.15
N THR A 627 22.52 9.84 -0.08
CA THR A 627 21.43 10.37 -0.96
C THR A 627 20.89 11.69 -0.41
N TYR A 628 20.85 12.73 -1.26
CA TYR A 628 20.17 14.02 -0.99
C TYR A 628 18.68 13.88 -1.29
N THR A 629 17.84 14.59 -0.53
CA THR A 629 16.42 14.88 -0.86
C THR A 629 15.96 16.12 -0.06
N GLN A 630 15.13 16.95 -0.68
CA GLN A 630 14.66 18.29 -0.18
C GLN A 630 14.15 18.15 1.27
N LYS A 631 14.63 19.02 2.16
CA LYS A 631 14.25 19.09 3.60
C LYS A 631 13.38 20.33 3.83
N LEU A 632 12.90 20.53 5.06
CA LEU A 632 12.17 21.76 5.48
C LEU A 632 13.18 22.91 5.62
N SER A 633 12.86 24.07 5.03
CA SER A 633 13.73 25.27 4.96
C SER A 633 13.00 26.48 5.58
N VAL A 634 13.53 27.03 6.66
CA VAL A 634 13.03 28.27 7.34
C VAL A 634 14.11 29.34 7.23
N PRO A 635 13.78 30.65 7.33
CA PRO A 635 14.79 31.71 7.41
C PRO A 635 15.73 31.58 8.62
N ASP A 636 16.79 32.40 8.64
CA ASP A 636 17.88 32.36 9.65
C ASP A 636 17.32 32.75 11.03
N GLY A 637 16.58 33.85 11.11
CA GLY A 637 15.95 34.35 12.34
C GLY A 637 14.71 35.20 12.06
N PHE A 638 14.16 35.81 13.11
CA PHE A 638 12.97 36.70 13.04
C PHE A 638 13.39 38.06 12.47
N LYS A 639 13.55 38.13 11.15
CA LYS A 639 13.92 39.37 10.40
C LYS A 639 12.99 39.54 9.20
N VAL A 640 12.83 40.79 8.75
CA VAL A 640 12.16 41.16 7.47
C VAL A 640 12.88 40.44 6.32
N SER A 641 12.12 39.94 5.34
CA SER A 641 12.72 39.20 4.19
C SER A 641 13.67 40.11 3.41
N ASN A 642 13.23 41.34 3.14
CA ASN A 642 14.08 42.34 2.41
C ASN A 642 14.07 43.66 3.19
N SER A 643 15.14 43.95 3.94
CA SER A 643 15.34 45.17 4.76
C SER A 643 15.41 46.41 3.87
N SER A 644 15.98 46.28 2.67
CA SER A 644 16.14 47.36 1.66
C SER A 644 14.77 47.84 1.15
N ALA A 645 13.81 46.91 0.98
CA ALA A 645 12.46 47.18 0.43
C ALA A 645 11.60 47.89 1.49
N ARG A 646 11.43 47.26 2.67
CA ARG A 646 10.44 47.65 3.70
C ARG A 646 11.04 47.54 5.11
N GLY A 647 10.26 47.91 6.13
CA GLY A 647 10.54 47.68 7.55
C GLY A 647 9.50 46.73 8.13
N TRP A 648 9.35 46.72 9.46
CA TRP A 648 8.30 45.94 10.17
C TRP A 648 6.94 46.62 9.98
N VAL A 649 6.82 47.89 10.38
CA VAL A 649 5.59 48.71 10.27
C VAL A 649 5.64 49.53 8.99
N ILE A 650 4.61 49.41 8.13
CA ILE A 650 4.56 50.04 6.77
C ILE A 650 3.69 51.29 6.88
N HIS A 651 4.21 52.42 6.36
CA HIS A 651 3.58 53.77 6.43
C HIS A 651 2.53 53.87 5.31
N PRO A 652 1.25 54.24 5.62
CA PRO A 652 0.22 54.33 4.58
C PRO A 652 0.44 55.37 3.46
N LEU A 653 0.96 56.57 3.79
CA LEU A 653 1.15 57.68 2.81
C LEU A 653 2.51 57.52 2.11
N GLY A 654 2.87 56.30 1.69
CA GLY A 654 4.12 56.09 0.94
C GLY A 654 5.33 55.89 1.82
N LEU A 655 5.93 54.70 1.79
CA LEU A 655 7.17 54.40 2.56
C LEU A 655 8.33 55.27 2.02
N ARG A 656 8.52 55.26 0.69
CA ARG A 656 9.56 56.04 -0.03
C ARG A 656 8.87 57.13 -0.88
N SER A 657 8.19 56.72 -1.95
CA SER A 657 7.48 57.61 -2.91
C SER A 657 6.08 57.93 -2.36
N GLU A 658 5.67 59.20 -2.40
CA GLU A 658 4.38 59.71 -1.87
C GLU A 658 3.23 58.93 -2.52
N PHE A 659 2.48 58.16 -1.72
CA PHE A 659 1.41 57.23 -2.18
C PHE A 659 0.25 58.04 -2.73
N PRO A 660 -0.34 57.65 -3.89
CA PRO A 660 -1.42 58.42 -4.49
C PRO A 660 -2.75 58.31 -3.72
N ILE A 661 -3.56 59.37 -3.76
CA ILE A 661 -4.82 59.52 -2.98
C ILE A 661 -5.90 58.62 -3.60
N TRP A 662 -5.87 58.42 -4.92
CA TRP A 662 -6.85 57.58 -5.66
C TRP A 662 -6.80 56.12 -5.17
N MET A 663 -5.60 55.56 -4.96
CA MET A 663 -5.41 54.16 -4.48
C MET A 663 -5.82 54.03 -3.00
N MET A 664 -5.70 55.10 -2.20
CA MET A 664 -6.10 55.10 -0.77
C MET A 664 -7.61 54.80 -0.64
N PHE A 665 -8.40 55.18 -1.65
CA PHE A 665 -9.87 54.98 -1.72
C PHE A 665 -10.26 53.93 -2.76
N ALA A 666 -9.44 53.69 -3.80
CA ALA A 666 -9.67 52.66 -4.84
C ALA A 666 -9.22 51.27 -4.36
N SER A 667 -8.54 51.18 -3.20
CA SER A 667 -8.16 49.91 -2.54
C SER A 667 -9.39 49.18 -1.98
N ALA A 668 -10.55 49.85 -1.93
CA ALA A 668 -11.86 49.26 -1.53
C ALA A 668 -12.27 48.16 -2.52
N LEU A 669 -12.00 48.33 -3.82
CA LEU A 669 -12.41 47.36 -4.88
C LEU A 669 -11.68 46.03 -4.70
N PRO A 670 -10.34 45.99 -4.55
CA PRO A 670 -9.65 44.77 -4.14
C PRO A 670 -10.10 44.21 -2.77
N ALA A 671 -10.34 45.07 -1.79
CA ALA A 671 -10.74 44.69 -0.41
C ALA A 671 -12.10 43.97 -0.42
N LEU A 672 -13.03 44.45 -1.24
CA LEU A 672 -14.35 43.80 -1.50
C LEU A 672 -14.12 42.38 -2.04
N LEU A 673 -13.17 42.22 -2.97
CA LEU A 673 -12.76 40.90 -3.53
C LEU A 673 -12.11 40.05 -2.44
N VAL A 674 -11.13 40.59 -1.71
CA VAL A 674 -10.39 39.88 -0.62
C VAL A 674 -11.38 39.43 0.46
N PHE A 675 -12.36 40.27 0.80
CA PHE A 675 -13.42 39.99 1.80
C PHE A 675 -14.18 38.73 1.39
N ILE A 676 -14.67 38.69 0.14
CA ILE A 676 -15.48 37.57 -0.43
C ILE A 676 -14.65 36.29 -0.37
N LEU A 677 -13.39 36.33 -0.85
CA LEU A 677 -12.44 35.18 -0.85
C LEU A 677 -12.32 34.61 0.57
N ILE A 678 -12.12 35.47 1.57
CA ILE A 678 -11.93 35.07 3.00
C ILE A 678 -13.28 34.62 3.58
N PHE A 679 -14.36 35.35 3.28
CA PHE A 679 -15.75 35.06 3.70
C PHE A 679 -16.15 33.65 3.25
N LEU A 680 -16.22 33.42 1.93
CA LEU A 680 -16.70 32.14 1.33
C LEU A 680 -15.74 30.99 1.67
N GLU A 681 -14.46 31.28 1.94
CA GLU A 681 -13.48 30.27 2.43
C GLU A 681 -13.83 29.93 3.89
N SER A 682 -13.82 30.95 4.76
CA SER A 682 -13.89 30.79 6.24
C SER A 682 -15.26 30.29 6.69
N GLN A 683 -16.34 30.83 6.10
CA GLN A 683 -17.73 30.57 6.55
C GLN A 683 -18.15 29.16 6.10
N ILE A 684 -17.92 28.81 4.83
CA ILE A 684 -18.29 27.47 4.29
C ILE A 684 -17.48 26.40 5.04
N THR A 685 -16.20 26.67 5.33
CA THR A 685 -15.34 25.81 6.20
C THR A 685 -16.03 25.57 7.54
N THR A 686 -16.57 26.64 8.16
CA THR A 686 -17.22 26.62 9.49
C THR A 686 -18.49 25.76 9.45
N LEU A 687 -19.28 25.88 8.38
CA LEU A 687 -20.51 25.06 8.15
C LEU A 687 -20.14 23.58 8.10
N ILE A 688 -19.09 23.23 7.35
CA ILE A 688 -18.62 21.84 7.12
C ILE A 688 -18.09 21.27 8.44
N VAL A 689 -17.25 22.02 9.15
CA VAL A 689 -16.61 21.61 10.44
C VAL A 689 -17.70 21.47 11.52
N SER A 690 -18.68 22.39 11.53
CA SER A 690 -19.84 22.40 12.47
C SER A 690 -21.10 21.96 11.74
N LYS A 691 -21.10 20.71 11.25
CA LYS A 691 -22.29 20.03 10.66
C LYS A 691 -23.00 19.26 11.77
N PRO A 692 -24.33 19.01 11.68
CA PRO A 692 -25.04 18.27 12.73
C PRO A 692 -24.59 16.82 12.90
N GLU A 693 -24.21 16.15 11.80
CA GLU A 693 -23.79 14.71 11.78
C GLU A 693 -22.56 14.51 12.67
N ARG A 694 -21.62 15.46 12.70
CA ARG A 694 -20.50 15.48 13.67
C ARG A 694 -21.04 15.91 15.03
N LYS A 695 -20.59 15.27 16.11
CA LYS A 695 -21.05 15.55 17.50
C LYS A 695 -20.40 16.85 17.99
N MET A 696 -20.96 17.99 17.57
CA MET A 696 -20.48 19.35 17.92
C MET A 696 -21.36 19.91 19.06
N VAL A 697 -20.95 19.63 20.30
CA VAL A 697 -21.72 19.96 21.55
C VAL A 697 -21.65 21.47 21.81
N LYS A 698 -20.49 22.10 21.54
CA LYS A 698 -20.21 23.53 21.86
C LYS A 698 -21.05 24.44 20.94
N GLY A 699 -21.09 24.13 19.65
CA GLY A 699 -21.78 24.93 18.61
C GLY A 699 -20.79 25.68 17.74
N SER A 700 -21.21 26.81 17.17
CA SER A 700 -20.40 27.67 16.29
C SER A 700 -20.94 29.12 16.27
N GLY A 701 -20.04 30.09 16.09
CA GLY A 701 -20.36 31.53 15.98
C GLY A 701 -19.73 32.14 14.75
N PHE A 702 -20.53 32.34 13.69
CA PHE A 702 -20.07 32.77 12.35
C PHE A 702 -19.73 34.27 12.34
N HIS A 703 -20.44 35.07 13.14
CA HIS A 703 -20.30 36.55 13.20
C HIS A 703 -18.93 36.90 13.81
N LEU A 704 -18.58 36.29 14.94
CA LEU A 704 -17.30 36.50 15.65
C LEU A 704 -16.13 35.94 14.83
N ASP A 705 -16.32 34.80 14.16
CA ASP A 705 -15.27 34.14 13.33
C ASP A 705 -14.93 35.03 12.13
N LEU A 706 -15.95 35.54 11.43
CA LEU A 706 -15.77 36.44 10.24
C LEU A 706 -15.12 37.76 10.69
N LEU A 707 -15.48 38.26 11.88
CA LEU A 707 -14.93 39.52 12.47
C LEU A 707 -13.43 39.36 12.67
N LEU A 708 -13.01 38.33 13.43
CA LEU A 708 -11.60 38.07 13.82
C LEU A 708 -10.75 37.81 12.57
N VAL A 709 -11.13 36.82 11.75
CA VAL A 709 -10.33 36.32 10.58
C VAL A 709 -10.04 37.50 9.65
N VAL A 710 -11.05 38.31 9.32
CA VAL A 710 -10.92 39.46 8.36
C VAL A 710 -10.32 40.67 9.09
N GLY A 711 -10.75 40.93 10.32
CA GLY A 711 -10.29 42.07 11.15
C GLY A 711 -8.81 42.01 11.43
N MET A 712 -8.31 40.87 11.90
CA MET A 712 -6.87 40.61 12.18
C MET A 712 -6.07 40.74 10.88
N GLY A 713 -6.61 40.24 9.77
CA GLY A 713 -5.98 40.27 8.43
C GLY A 713 -5.73 41.68 7.95
N GLY A 714 -6.75 42.54 8.02
CA GLY A 714 -6.65 43.96 7.64
C GLY A 714 -5.67 44.72 8.53
N VAL A 715 -5.61 44.39 9.82
CA VAL A 715 -4.62 44.94 10.80
C VAL A 715 -3.24 44.38 10.48
N ALA A 716 -3.14 43.10 10.11
CA ALA A 716 -1.86 42.40 9.77
C ALA A 716 -1.19 43.08 8.57
N ALA A 717 -1.99 43.59 7.61
CA ALA A 717 -1.52 44.32 6.41
C ALA A 717 -0.67 45.54 6.83
N LEU A 718 -1.06 46.24 7.90
CA LEU A 718 -0.35 47.43 8.45
C LEU A 718 1.13 47.10 8.67
N PHE A 719 1.44 45.89 9.16
CA PHE A 719 2.82 45.39 9.41
C PHE A 719 3.34 44.63 8.18
N GLY A 720 2.72 44.84 7.01
CA GLY A 720 3.16 44.14 5.78
C GLY A 720 2.93 42.65 5.87
N MET A 721 2.65 42.14 7.07
CA MET A 721 2.33 40.69 7.21
C MET A 721 1.07 40.39 6.42
N PRO A 722 0.84 39.14 5.96
CA PRO A 722 -0.31 38.83 5.11
C PRO A 722 -1.63 38.52 5.84
N TRP A 723 -2.77 38.82 5.20
CA TRP A 723 -4.08 38.44 5.78
C TRP A 723 -4.32 36.96 5.49
N LEU A 724 -4.94 36.25 6.44
CA LEU A 724 -5.20 34.79 6.37
C LEU A 724 -6.70 34.55 6.18
N SER A 725 -7.07 33.28 6.03
CA SER A 725 -8.46 32.78 6.03
C SER A 725 -8.53 31.54 6.93
N ALA A 726 -9.73 30.98 7.12
CA ALA A 726 -9.95 29.66 7.77
C ALA A 726 -10.04 28.61 6.66
N THR A 727 -8.89 28.02 6.30
CA THR A 727 -8.73 26.98 5.25
C THR A 727 -9.44 25.70 5.68
N THR A 728 -10.13 25.04 4.74
CA THR A 728 -11.06 23.91 5.02
C THR A 728 -10.25 22.65 5.39
N VAL A 729 -9.28 22.24 4.57
CA VAL A 729 -8.57 20.94 4.73
C VAL A 729 -7.95 20.86 6.14
N ARG A 730 -7.14 21.85 6.51
CA ARG A 730 -6.44 21.90 7.83
C ARG A 730 -7.45 22.03 8.99
N SER A 731 -8.56 22.73 8.77
CA SER A 731 -9.67 22.91 9.76
C SER A 731 -10.38 21.57 9.88
N VAL A 732 -10.78 20.99 8.74
CA VAL A 732 -11.45 19.65 8.64
C VAL A 732 -10.53 18.61 9.30
N THR A 733 -9.27 18.54 8.84
CA THR A 733 -8.21 17.62 9.34
C THR A 733 -8.11 17.73 10.87
N HIS A 734 -8.13 18.95 11.40
CA HIS A 734 -7.98 19.27 12.84
C HIS A 734 -9.17 18.71 13.63
N ALA A 735 -10.39 18.89 13.11
CA ALA A 735 -11.65 18.33 13.65
C ALA A 735 -11.63 16.80 13.54
N ASN A 736 -11.31 16.29 12.34
CA ASN A 736 -11.24 14.83 12.02
C ASN A 736 -10.25 14.13 12.96
N ALA A 737 -9.10 14.76 13.26
CA ALA A 737 -8.06 14.24 14.15
C ALA A 737 -8.55 14.23 15.61
N LEU A 738 -9.48 15.12 15.96
CA LEU A 738 -10.09 15.25 17.31
C LEU A 738 -11.41 14.47 17.39
N THR A 739 -12.06 14.19 16.25
CA THR A 739 -13.29 13.36 16.14
C THR A 739 -12.95 11.90 16.50
N VAL A 740 -13.61 11.35 17.53
CA VAL A 740 -13.44 9.94 18.00
C VAL A 740 -14.46 9.06 17.27
N MET A 741 -14.13 7.77 17.10
CA MET A 741 -14.97 6.74 16.44
C MET A 741 -15.09 5.52 17.37
N GLY A 742 -16.22 4.80 17.29
CA GLY A 742 -16.53 3.61 18.12
C GLY A 742 -17.28 2.55 17.34
N LYS A 743 -17.33 1.32 17.88
CA LYS A 743 -17.99 0.12 17.31
C LYS A 743 -17.32 -0.24 15.97
N ALA A 751 -19.27 1.86 11.96
CA ALA A 751 -18.83 2.77 13.05
C ALA A 751 -19.54 4.13 12.92
N GLN A 752 -19.59 4.88 14.02
CA GLN A 752 -20.25 6.22 14.12
C GLN A 752 -19.43 7.12 15.05
N ILE A 753 -19.83 8.40 15.17
CA ILE A 753 -19.16 9.44 16.01
C ILE A 753 -19.85 9.47 17.37
N GLN A 754 -19.07 9.63 18.45
CA GLN A 754 -19.53 9.58 19.87
C GLN A 754 -19.35 10.96 20.51
N GLU A 755 -18.12 11.48 20.53
CA GLU A 755 -17.75 12.83 21.01
C GLU A 755 -16.55 13.46 20.30
N VAL A 756 -16.76 14.61 19.62
CA VAL A 756 -15.70 15.40 18.93
C VAL A 756 -15.04 16.28 20.01
N LYS A 757 -13.73 16.10 20.24
CA LYS A 757 -12.94 16.84 21.26
C LYS A 757 -12.83 18.31 20.83
N GLU A 758 -13.67 19.19 21.42
CA GLU A 758 -13.73 20.63 21.09
C GLU A 758 -12.99 21.43 22.17
N GLN A 759 -11.88 22.06 21.81
CA GLN A 759 -11.03 22.86 22.73
C GLN A 759 -10.16 23.85 21.92
N ARG A 760 -9.43 24.73 22.62
CA ARG A 760 -8.64 25.85 22.06
C ARG A 760 -7.14 25.53 22.02
N ILE A 761 -6.64 24.75 22.98
CA ILE A 761 -5.18 24.51 23.23
C ILE A 761 -4.56 23.82 21.99
N SER A 762 -5.34 23.00 21.28
CA SER A 762 -4.93 22.34 20.00
C SER A 762 -4.62 23.40 18.94
N GLY A 763 -5.61 24.24 18.61
CA GLY A 763 -5.48 25.35 17.65
C GLY A 763 -4.43 26.38 18.07
N LEU A 764 -4.26 26.59 19.39
CA LEU A 764 -3.24 27.48 19.99
C LEU A 764 -1.85 26.90 19.72
N LEU A 765 -1.57 25.70 20.23
CA LEU A 765 -0.22 25.05 20.21
C LEU A 765 0.29 24.89 18.77
N VAL A 766 -0.60 24.70 17.79
CA VAL A 766 -0.26 24.68 16.34
C VAL A 766 0.36 26.03 15.95
N ALA A 767 -0.33 27.13 16.26
CA ALA A 767 0.09 28.52 15.94
C ALA A 767 1.38 28.87 16.69
N VAL A 768 1.51 28.44 17.95
CA VAL A 768 2.72 28.66 18.80
C VAL A 768 3.92 27.99 18.13
N LEU A 769 3.77 26.73 17.69
CA LEU A 769 4.83 25.94 17.01
C LEU A 769 5.23 26.60 15.68
N VAL A 770 4.24 27.06 14.90
CA VAL A 770 4.46 27.78 13.61
C VAL A 770 5.22 29.09 13.87
N GLY A 771 4.99 29.72 15.03
CA GLY A 771 5.79 30.86 15.51
C GLY A 771 7.22 30.46 15.83
N LEU A 772 7.40 29.33 16.51
CA LEU A 772 8.73 28.80 16.96
C LEU A 772 9.43 28.03 15.84
N SER A 773 8.79 27.87 14.66
CA SER A 773 9.29 27.08 13.49
C SER A 773 10.69 27.52 13.07
N ILE A 774 10.99 28.83 13.13
CA ILE A 774 12.30 29.42 12.77
C ILE A 774 13.35 29.03 13.81
N LEU A 775 12.98 29.07 15.10
CA LEU A 775 13.90 28.76 16.24
C LEU A 775 14.25 27.27 16.27
N MET A 776 13.32 26.39 15.88
CA MET A 776 13.48 24.91 15.92
C MET A 776 13.89 24.38 14.53
N GLU A 777 14.83 25.07 13.86
CA GLU A 777 15.35 24.71 12.52
C GLU A 777 16.13 23.40 12.56
N PRO A 778 16.98 23.12 13.58
CA PRO A 778 17.72 21.86 13.65
C PRO A 778 16.85 20.58 13.65
N ILE A 779 15.63 20.66 14.18
CA ILE A 779 14.65 19.53 14.25
C ILE A 779 13.98 19.38 12.87
N LEU A 780 13.57 20.49 12.26
CA LEU A 780 12.86 20.52 10.94
C LEU A 780 13.83 20.14 9.81
N SER A 781 15.11 20.48 9.94
CA SER A 781 16.17 20.29 8.92
C SER A 781 16.35 18.81 8.55
N ARG A 782 15.94 17.88 9.42
CA ARG A 782 16.06 16.41 9.22
C ARG A 782 14.72 15.81 8.75
N ILE A 783 13.71 16.64 8.46
CA ILE A 783 12.36 16.21 7.98
C ILE A 783 12.27 16.46 6.48
N PRO A 784 12.22 15.41 5.62
CA PRO A 784 12.03 15.59 4.19
C PRO A 784 10.61 16.07 3.84
N LEU A 785 10.47 16.82 2.74
CA LEU A 785 9.15 17.26 2.20
C LEU A 785 8.42 16.05 1.61
N ALA A 786 9.17 15.09 1.04
CA ALA A 786 8.69 13.79 0.54
C ALA A 786 7.82 13.11 1.61
N VAL A 787 8.28 13.08 2.86
CA VAL A 787 7.54 12.49 4.02
C VAL A 787 6.25 13.27 4.23
N LEU A 788 6.33 14.60 4.22
CA LEU A 788 5.18 15.54 4.37
C LEU A 788 4.16 15.33 3.25
N PHE A 789 4.60 15.01 2.03
CA PHE A 789 3.71 14.80 0.86
C PHE A 789 2.86 13.54 1.07
N GLY A 790 3.39 12.53 1.76
CA GLY A 790 2.64 11.33 2.17
C GLY A 790 1.45 11.68 3.04
N ILE A 791 1.65 12.63 3.96
CA ILE A 791 0.65 13.09 4.96
C ILE A 791 -0.39 14.00 4.29
N PHE A 792 0.00 14.83 3.32
CA PHE A 792 -0.92 15.71 2.56
C PHE A 792 -1.86 14.87 1.67
N LEU A 793 -1.40 13.71 1.20
CA LEU A 793 -2.23 12.76 0.41
C LEU A 793 -3.22 12.07 1.34
N TYR A 794 -2.79 11.69 2.55
CA TYR A 794 -3.64 11.11 3.63
C TYR A 794 -4.73 12.12 4.01
N MET A 795 -4.32 13.36 4.32
CA MET A 795 -5.23 14.51 4.62
C MET A 795 -6.24 14.72 3.48
N GLY A 796 -5.81 14.53 2.23
CA GLY A 796 -6.66 14.67 1.03
C GLY A 796 -7.80 13.66 1.01
N VAL A 797 -7.50 12.39 1.30
CA VAL A 797 -8.49 11.27 1.29
C VAL A 797 -9.29 11.29 2.59
N THR A 798 -8.65 11.62 3.71
CA THR A 798 -9.26 11.77 5.06
C THR A 798 -10.32 12.87 5.06
N SER A 799 -10.11 13.95 4.30
CA SER A 799 -11.04 15.11 4.16
C SER A 799 -12.33 14.71 3.44
N LEU A 800 -12.28 13.68 2.57
CA LEU A 800 -13.42 13.19 1.76
C LEU A 800 -14.24 12.12 2.53
N SER A 801 -14.04 11.98 3.85
CA SER A 801 -14.63 10.90 4.68
C SER A 801 -16.15 11.06 4.78
N GLY A 802 -16.62 12.22 5.25
CA GLY A 802 -18.04 12.51 5.53
C GLY A 802 -18.67 13.45 4.52
N ILE A 803 -18.33 13.30 3.23
CA ILE A 803 -18.87 14.12 2.11
C ILE A 803 -19.82 13.25 1.29
N GLN A 804 -21.11 13.57 1.28
CA GLN A 804 -22.18 12.78 0.60
C GLN A 804 -21.97 12.78 -0.92
N LEU A 805 -21.31 13.80 -1.48
CA LEU A 805 -21.04 13.93 -2.93
C LEU A 805 -20.05 12.82 -3.34
N PHE A 806 -18.90 12.73 -2.66
CA PHE A 806 -17.89 11.65 -2.83
C PHE A 806 -18.55 10.29 -2.61
N ASP A 807 -19.32 10.15 -1.53
CA ASP A 807 -20.05 8.91 -1.16
C ASP A 807 -21.08 8.57 -2.25
N ARG A 808 -21.65 9.58 -2.91
CA ARG A 808 -22.57 9.40 -4.07
C ARG A 808 -21.78 9.15 -5.36
N ILE A 809 -20.56 9.69 -5.48
CA ILE A 809 -19.64 9.44 -6.63
C ILE A 809 -19.21 7.97 -6.61
N LEU A 810 -19.04 7.38 -5.42
CA LEU A 810 -18.75 5.93 -5.25
C LEU A 810 -19.88 5.07 -5.84
N LEU A 811 -21.14 5.53 -5.76
CA LEU A 811 -22.34 4.75 -6.17
C LEU A 811 -22.39 4.76 -7.71
N LEU A 812 -21.67 5.67 -8.39
CA LEU A 812 -21.62 5.72 -9.88
C LEU A 812 -21.08 4.38 -10.43
N PHE A 813 -20.06 3.82 -9.79
CA PHE A 813 -19.38 2.55 -10.18
C PHE A 813 -20.00 1.29 -9.57
N LYS A 814 -20.55 1.39 -8.34
CA LYS A 814 -21.35 0.32 -7.69
C LYS A 814 -22.57 0.01 -8.56
N PRO A 815 -23.00 -1.27 -8.69
CA PRO A 815 -24.32 -1.59 -9.23
C PRO A 815 -25.44 -1.13 -8.30
N PRO A 816 -26.69 -0.93 -8.81
CA PRO A 816 -27.78 -0.39 -8.01
C PRO A 816 -28.27 -1.32 -6.87
N LYS A 817 -27.99 -2.62 -6.99
CA LYS A 817 -28.38 -3.67 -6.00
C LYS A 817 -27.65 -3.45 -4.66
N TYR A 818 -26.39 -2.98 -4.71
CA TYR A 818 -25.46 -2.94 -3.55
C TYR A 818 -25.38 -1.54 -2.91
N HIS A 819 -26.21 -0.59 -3.35
CA HIS A 819 -26.22 0.82 -2.85
C HIS A 819 -26.59 0.85 -1.37
N PRO A 820 -26.06 1.83 -0.59
CA PRO A 820 -26.26 1.85 0.86
C PRO A 820 -27.70 2.21 1.26
N ASP A 821 -28.15 1.72 2.41
CA ASP A 821 -29.53 1.93 2.95
C ASP A 821 -29.59 3.33 3.58
N VAL A 822 -29.74 4.36 2.73
CA VAL A 822 -29.82 5.80 3.13
C VAL A 822 -31.06 6.41 2.48
N PRO A 823 -31.66 7.46 3.09
CA PRO A 823 -32.89 8.07 2.55
C PRO A 823 -32.85 8.41 1.05
N TYR A 824 -31.76 8.99 0.57
CA TYR A 824 -31.61 9.48 -0.84
C TYR A 824 -31.41 8.30 -1.81
N VAL A 825 -31.17 7.08 -1.30
CA VAL A 825 -31.13 5.81 -2.09
C VAL A 825 -32.53 5.17 -2.07
N LYS A 826 -33.18 5.14 -0.89
CA LYS A 826 -34.50 4.48 -0.68
C LYS A 826 -35.63 5.32 -1.30
N ARG A 827 -35.71 6.60 -0.92
CA ARG A 827 -36.87 7.49 -1.21
C ARG A 827 -36.78 8.06 -2.64
N VAL A 828 -35.56 8.24 -3.17
CA VAL A 828 -35.32 8.75 -4.56
C VAL A 828 -34.93 7.56 -5.45
N LYS A 829 -35.23 7.67 -6.75
CA LYS A 829 -34.83 6.69 -7.80
C LYS A 829 -33.33 6.79 -8.05
N THR A 830 -32.68 5.67 -8.37
CA THR A 830 -31.21 5.55 -8.60
C THR A 830 -30.80 6.38 -9.81
N TRP A 831 -31.58 6.34 -10.90
CA TRP A 831 -31.28 7.03 -12.19
C TRP A 831 -31.38 8.54 -12.01
N ARG A 832 -32.27 9.00 -11.13
CA ARG A 832 -32.44 10.44 -10.78
C ARG A 832 -31.39 10.86 -9.74
N MET A 833 -31.03 9.96 -8.82
CA MET A 833 -30.02 10.19 -7.75
C MET A 833 -28.63 10.40 -8.36
N HIS A 834 -28.31 9.70 -9.45
CA HIS A 834 -27.02 9.83 -10.19
C HIS A 834 -26.98 11.14 -11.00
N LEU A 835 -28.12 11.55 -11.56
CA LEU A 835 -28.25 12.82 -12.34
C LEU A 835 -27.93 14.01 -11.43
N PHE A 836 -28.39 13.98 -10.18
CA PHE A 836 -28.03 15.06 -9.22
C PHE A 836 -26.52 15.02 -9.00
N THR A 837 -25.98 13.85 -8.68
CA THR A 837 -24.52 13.65 -8.47
C THR A 837 -23.76 14.10 -9.72
N GLY A 838 -24.31 13.85 -10.91
CA GLY A 838 -23.75 14.23 -12.22
C GLY A 838 -23.67 15.74 -12.40
N ILE A 839 -24.73 16.47 -12.01
CA ILE A 839 -24.83 17.96 -12.15
C ILE A 839 -23.78 18.63 -11.25
N GLN A 840 -23.44 18.02 -10.10
CA GLN A 840 -22.37 18.52 -9.18
C GLN A 840 -20.99 18.36 -9.83
N ILE A 841 -20.80 17.35 -10.70
CA ILE A 841 -19.53 17.14 -11.47
C ILE A 841 -19.45 18.21 -12.57
N ILE A 842 -20.58 18.57 -13.19
CA ILE A 842 -20.69 19.68 -14.19
C ILE A 842 -20.23 20.98 -13.52
N CYS A 843 -20.59 21.20 -12.25
CA CYS A 843 -20.13 22.36 -11.43
C CYS A 843 -18.63 22.28 -11.20
N LEU A 844 -18.16 21.18 -10.60
CA LEU A 844 -16.72 20.90 -10.30
C LEU A 844 -15.85 21.10 -11.56
N ALA A 845 -16.31 20.60 -12.71
CA ALA A 845 -15.67 20.76 -14.03
C ALA A 845 -15.48 22.24 -14.34
N VAL A 846 -16.57 23.02 -14.29
CA VAL A 846 -16.57 24.51 -14.53
C VAL A 846 -15.69 25.18 -13.47
N LEU A 847 -15.84 24.80 -12.19
CA LEU A 847 -15.03 25.32 -11.05
C LEU A 847 -13.53 25.06 -11.31
N TRP A 848 -13.16 23.90 -11.86
CA TRP A 848 -11.74 23.54 -12.12
C TRP A 848 -11.20 24.31 -13.33
N VAL A 849 -12.04 24.58 -14.34
CA VAL A 849 -11.67 25.34 -15.57
C VAL A 849 -11.32 26.79 -15.19
N VAL A 850 -12.10 27.40 -14.28
CA VAL A 850 -11.92 28.82 -13.83
C VAL A 850 -10.60 28.91 -13.05
N LYS A 851 -10.23 27.85 -12.31
CA LYS A 851 -8.98 27.76 -11.50
C LYS A 851 -7.75 27.93 -12.41
N SER A 852 -7.75 27.29 -13.59
CA SER A 852 -6.60 27.26 -14.55
C SER A 852 -6.51 28.57 -15.35
N THR A 853 -7.65 29.09 -15.83
CA THR A 853 -7.76 30.30 -16.68
C THR A 853 -7.26 31.54 -15.91
N PRO A 854 -6.87 32.64 -16.61
CA PRO A 854 -6.39 33.85 -15.94
C PRO A 854 -7.33 34.41 -14.87
N ALA A 855 -8.63 34.44 -15.15
CA ALA A 855 -9.69 34.92 -14.23
C ALA A 855 -9.93 33.86 -13.14
N SER A 856 -8.97 33.71 -12.23
CA SER A 856 -8.94 32.70 -11.14
C SER A 856 -9.60 33.26 -9.87
N LEU A 857 -9.54 34.58 -9.66
CA LEU A 857 -10.18 35.28 -8.50
C LEU A 857 -11.67 35.50 -8.75
N ALA A 858 -12.24 34.99 -9.86
CA ALA A 858 -13.68 34.97 -10.15
C ALA A 858 -14.33 33.68 -9.60
N LEU A 859 -13.55 32.76 -9.03
CA LEU A 859 -14.02 31.45 -8.48
C LEU A 859 -15.05 31.65 -7.37
N PRO A 860 -14.86 32.60 -6.42
CA PRO A 860 -15.85 32.83 -5.37
C PRO A 860 -17.24 33.20 -5.92
N PHE A 861 -17.28 33.97 -7.01
CA PHE A 861 -18.52 34.44 -7.69
C PHE A 861 -19.18 33.28 -8.45
N VAL A 862 -18.39 32.31 -8.94
CA VAL A 862 -18.87 31.07 -9.61
C VAL A 862 -19.34 30.09 -8.52
N LEU A 863 -18.68 30.07 -7.35
CA LEU A 863 -19.05 29.22 -6.20
C LEU A 863 -20.36 29.73 -5.56
N ILE A 864 -20.57 31.05 -5.50
CA ILE A 864 -21.79 31.67 -4.89
C ILE A 864 -22.93 31.65 -5.92
N LEU A 865 -22.64 31.33 -7.19
CA LEU A 865 -23.65 31.07 -8.25
C LEU A 865 -24.21 29.63 -8.12
N THR A 866 -23.53 28.78 -7.34
CA THR A 866 -23.97 27.40 -6.96
C THR A 866 -25.33 27.46 -6.24
N VAL A 867 -25.53 28.46 -5.38
CA VAL A 867 -26.76 28.63 -4.55
C VAL A 867 -27.95 28.87 -5.48
N PRO A 868 -27.96 29.91 -6.34
CA PRO A 868 -29.00 30.07 -7.38
C PRO A 868 -29.44 28.78 -8.10
N LEU A 869 -28.50 27.92 -8.46
CA LEU A 869 -28.89 26.62 -9.08
C LEU A 869 -29.73 25.83 -8.07
N ARG A 870 -29.12 25.44 -6.93
CA ARG A 870 -29.83 24.63 -5.91
C ARG A 870 -31.15 25.30 -5.54
N ARG A 871 -31.27 26.61 -5.75
CA ARG A 871 -32.50 27.34 -5.34
C ARG A 871 -33.52 27.43 -6.48
N VAL A 872 -33.06 27.45 -7.73
CA VAL A 872 -33.99 27.64 -8.89
C VAL A 872 -33.94 26.42 -9.82
N LEU A 873 -32.84 26.25 -10.56
CA LEU A 873 -32.77 25.16 -11.58
C LEU A 873 -32.98 23.74 -11.05
N LEU A 874 -32.24 23.36 -10.00
CA LEU A 874 -32.34 22.00 -9.42
C LEU A 874 -33.78 21.73 -9.00
N PRO A 875 -34.42 22.57 -8.14
CA PRO A 875 -35.82 22.37 -7.78
C PRO A 875 -36.69 22.32 -9.04
N LEU A 876 -36.34 23.11 -10.05
CA LEU A 876 -37.16 23.16 -11.29
C LEU A 876 -37.07 21.82 -12.03
N ILE A 877 -35.92 21.14 -11.97
CA ILE A 877 -35.75 19.88 -12.74
C ILE A 877 -35.90 18.67 -11.81
N PHE A 878 -36.23 18.90 -10.54
CA PHE A 878 -36.31 17.77 -9.58
C PHE A 878 -37.62 17.85 -8.77
N ARG A 879 -37.90 16.82 -7.98
CA ARG A 879 -39.12 16.81 -7.11
C ARG A 879 -38.66 17.16 -5.69
N ASN A 880 -39.48 17.90 -4.93
CA ASN A 880 -39.13 18.45 -3.59
C ASN A 880 -38.70 17.31 -2.64
N VAL A 881 -39.37 16.16 -2.71
CA VAL A 881 -39.11 14.96 -1.85
C VAL A 881 -37.65 14.54 -2.03
N GLU A 882 -37.14 14.60 -3.26
CA GLU A 882 -35.76 14.20 -3.64
C GLU A 882 -34.74 15.16 -3.03
N LEU A 883 -34.97 16.48 -3.16
CA LEU A 883 -34.02 17.49 -2.64
C LEU A 883 -33.87 17.30 -1.12
N GLN A 884 -34.99 17.29 -0.39
CA GLN A 884 -34.96 17.15 1.09
C GLN A 884 -34.09 15.93 1.44
N CYS A 885 -34.27 14.81 0.73
CA CYS A 885 -33.54 13.53 0.95
C CYS A 885 -32.07 13.68 0.54
N LEU A 886 -31.81 14.15 -0.69
CA LEU A 886 -30.46 14.36 -1.26
C LEU A 886 -29.72 15.44 -0.45
N ASP A 887 -30.27 16.66 -0.44
CA ASP A 887 -29.71 17.84 0.25
C ASP A 887 -30.46 18.03 1.59
N ALA A 888 -29.93 17.41 2.66
CA ALA A 888 -30.46 17.48 4.04
C ALA A 888 -29.46 18.26 4.91
N ASP A 889 -29.97 19.00 5.91
CA ASP A 889 -29.17 19.74 6.91
C ASP A 889 -28.42 18.73 7.79
N ASP A 890 -29.14 17.73 8.30
CA ASP A 890 -28.62 16.62 9.15
C ASP A 890 -28.86 15.28 8.43
N ALA A 891 -28.32 14.19 8.99
CA ALA A 891 -28.43 12.81 8.49
C ALA A 891 -29.44 12.03 9.35
N ASP B 370 -11.81 -43.80 1.70
CA ASP B 370 -10.72 -42.79 1.87
C ASP B 370 -9.59 -43.10 0.90
N PRO B 371 -8.71 -42.12 0.56
CA PRO B 371 -7.67 -42.34 -0.45
C PRO B 371 -6.50 -43.22 0.03
N LEU B 372 -6.17 -43.18 1.33
CA LEU B 372 -4.99 -43.85 1.94
C LEU B 372 -5.42 -45.09 2.73
N GLN B 373 -6.37 -45.87 2.22
CA GLN B 373 -6.78 -47.17 2.81
C GLN B 373 -5.81 -48.25 2.32
N GLN B 374 -5.41 -49.16 3.21
CA GLN B 374 -4.53 -50.33 2.89
C GLN B 374 -5.36 -51.36 2.10
N THR B 375 -5.13 -51.46 0.79
CA THR B 375 -5.82 -52.42 -0.12
C THR B 375 -5.39 -53.85 0.23
N GLY B 376 -4.08 -54.07 0.41
CA GLY B 376 -3.46 -55.38 0.68
C GLY B 376 -2.96 -56.04 -0.60
N GLN B 377 -3.81 -56.08 -1.62
CA GLN B 377 -3.48 -56.48 -3.02
C GLN B 377 -2.33 -55.61 -3.53
N LEU B 378 -1.32 -56.25 -4.15
CA LEU B 378 -0.04 -55.60 -4.60
C LEU B 378 -0.36 -54.55 -5.67
N PHE B 379 0.08 -53.30 -5.44
CA PHE B 379 -0.18 -52.11 -6.29
C PHE B 379 -1.69 -51.79 -6.33
N GLY B 380 -2.41 -52.09 -5.25
CA GLY B 380 -3.84 -51.74 -5.09
C GLY B 380 -4.02 -50.25 -4.95
N GLY B 381 -3.07 -49.58 -4.28
CA GLY B 381 -3.05 -48.14 -4.01
C GLY B 381 -2.84 -47.34 -5.29
N LEU B 382 -2.00 -47.84 -6.21
CA LEU B 382 -1.76 -47.25 -7.55
C LEU B 382 -3.00 -47.44 -8.42
N VAL B 383 -3.58 -48.64 -8.42
CA VAL B 383 -4.72 -49.04 -9.31
C VAL B 383 -5.99 -48.31 -8.87
N ARG B 384 -6.25 -48.20 -7.56
CA ARG B 384 -7.46 -47.54 -7.01
C ARG B 384 -7.40 -46.02 -7.30
N ASP B 385 -6.20 -45.43 -7.26
CA ASP B 385 -5.94 -44.00 -7.62
C ASP B 385 -6.19 -43.78 -9.12
N ILE B 386 -5.88 -44.77 -9.96
CA ILE B 386 -6.19 -44.75 -11.42
C ILE B 386 -7.71 -44.96 -11.60
N ARG B 387 -8.30 -45.93 -10.88
CA ARG B 387 -9.76 -46.20 -10.89
C ARG B 387 -10.54 -45.03 -10.28
N ARG B 388 -9.91 -44.21 -9.43
CA ARG B 388 -10.53 -43.02 -8.79
C ARG B 388 -10.69 -41.90 -9.83
N ARG B 389 -9.57 -41.41 -10.39
CA ARG B 389 -9.48 -40.08 -11.07
C ARG B 389 -9.77 -40.20 -12.57
N TYR B 390 -9.29 -41.25 -13.23
CA TYR B 390 -9.29 -41.39 -14.72
C TYR B 390 -10.71 -41.47 -15.28
N PRO B 391 -11.72 -41.99 -14.55
CA PRO B 391 -13.12 -41.79 -14.96
C PRO B 391 -13.59 -40.33 -15.06
N TYR B 392 -12.91 -39.39 -14.38
CA TYR B 392 -13.16 -37.93 -14.42
C TYR B 392 -12.16 -37.22 -15.36
N TYR B 393 -11.52 -37.94 -16.30
CA TYR B 393 -10.44 -37.41 -17.17
C TYR B 393 -11.03 -36.41 -18.19
N LEU B 394 -12.28 -36.58 -18.59
CA LEU B 394 -13.00 -35.64 -19.50
C LEU B 394 -13.20 -34.30 -18.79
N SER B 395 -13.63 -34.32 -17.53
CA SER B 395 -13.79 -33.13 -16.65
C SER B 395 -12.43 -32.50 -16.34
N ASP B 396 -11.36 -33.30 -16.30
CA ASP B 396 -9.97 -32.83 -16.05
C ASP B 396 -9.43 -32.04 -17.24
N ILE B 397 -10.09 -32.09 -18.41
CA ILE B 397 -9.74 -31.28 -19.62
C ILE B 397 -10.78 -30.16 -19.79
N THR B 398 -12.08 -30.46 -19.62
CA THR B 398 -13.22 -29.58 -20.03
C THR B 398 -13.56 -28.54 -18.96
N ASP B 399 -12.90 -28.57 -17.78
CA ASP B 399 -13.07 -27.55 -16.70
C ASP B 399 -12.04 -26.43 -16.87
N ALA B 400 -11.25 -26.43 -17.95
CA ALA B 400 -10.14 -25.48 -18.22
C ALA B 400 -10.54 -24.44 -19.28
N PHE B 401 -11.82 -24.34 -19.65
CA PHE B 401 -12.35 -23.39 -20.65
C PHE B 401 -12.73 -22.05 -19.99
N SER B 402 -12.88 -22.03 -18.66
CA SER B 402 -13.22 -20.82 -17.86
C SER B 402 -12.07 -19.81 -17.92
N PRO B 403 -12.35 -18.48 -17.84
CA PRO B 403 -11.30 -17.47 -17.95
C PRO B 403 -10.35 -17.41 -16.74
N GLN B 404 -10.81 -17.87 -15.57
CA GLN B 404 -10.02 -17.94 -14.30
C GLN B 404 -8.83 -18.88 -14.48
N VAL B 405 -8.97 -19.91 -15.32
CA VAL B 405 -7.91 -20.94 -15.59
C VAL B 405 -6.79 -20.30 -16.42
N LEU B 406 -7.13 -19.54 -17.46
CA LEU B 406 -6.16 -18.81 -18.33
C LEU B 406 -5.36 -17.81 -17.49
N ALA B 407 -6.02 -17.15 -16.53
CA ALA B 407 -5.41 -16.20 -15.57
C ALA B 407 -4.44 -16.94 -14.65
N ALA B 408 -4.74 -18.18 -14.28
CA ALA B 408 -3.88 -19.06 -13.44
C ALA B 408 -2.63 -19.44 -14.22
N VAL B 409 -2.79 -19.85 -15.49
CA VAL B 409 -1.67 -20.24 -16.41
C VAL B 409 -0.63 -19.12 -16.44
N ILE B 410 -1.06 -17.88 -16.69
CA ILE B 410 -0.19 -16.67 -16.80
C ILE B 410 0.53 -16.44 -15.46
N PHE B 411 -0.24 -16.39 -14.36
CA PHE B 411 0.26 -16.19 -12.97
C PHE B 411 1.27 -17.30 -12.63
N ILE B 412 0.88 -18.56 -12.80
CA ILE B 412 1.66 -19.75 -12.33
C ILE B 412 2.85 -20.01 -13.27
N TYR B 413 2.80 -19.57 -14.53
CA TYR B 413 3.95 -19.63 -15.47
C TYR B 413 5.14 -18.86 -14.89
N PHE B 414 4.93 -17.58 -14.55
CA PHE B 414 5.95 -16.67 -13.96
C PHE B 414 6.35 -17.18 -12.57
N ALA B 415 5.44 -17.87 -11.88
CA ALA B 415 5.68 -18.54 -10.57
C ALA B 415 6.56 -19.78 -10.76
N ALA B 416 6.37 -20.51 -11.87
CA ALA B 416 7.07 -21.77 -12.22
C ALA B 416 8.42 -21.48 -12.90
N LEU B 417 8.48 -20.46 -13.77
CA LEU B 417 9.68 -20.11 -14.59
C LEU B 417 10.80 -19.56 -13.70
N SER B 418 10.53 -18.48 -12.96
CA SER B 418 11.53 -17.64 -12.25
C SER B 418 12.42 -18.47 -11.32
N PRO B 419 11.88 -19.46 -10.58
CA PRO B 419 12.72 -20.38 -9.80
C PRO B 419 13.60 -21.30 -10.67
N ALA B 420 13.10 -21.72 -11.84
CA ALA B 420 13.85 -22.53 -12.85
C ALA B 420 15.05 -21.72 -13.36
N ILE B 421 14.93 -20.39 -13.42
CA ILE B 421 16.03 -19.45 -13.78
C ILE B 421 16.92 -19.25 -12.55
N THR B 422 16.33 -19.03 -11.37
CA THR B 422 17.03 -18.73 -10.09
C THR B 422 17.88 -19.92 -9.66
N PHE B 423 17.26 -21.09 -9.43
CA PHE B 423 17.91 -22.35 -8.99
C PHE B 423 18.82 -22.87 -10.11
N GLY B 424 18.41 -22.70 -11.37
CA GLY B 424 19.21 -23.03 -12.57
C GLY B 424 20.58 -22.38 -12.53
N GLY B 425 20.63 -21.06 -12.31
CA GLY B 425 21.86 -20.27 -12.17
C GLY B 425 22.67 -20.70 -10.96
N LEU B 426 22.01 -20.97 -9.83
CA LEU B 426 22.66 -21.38 -8.55
C LEU B 426 23.31 -22.75 -8.70
N LEU B 427 22.67 -23.66 -9.44
CA LEU B 427 23.26 -25.00 -9.70
C LEU B 427 24.52 -24.80 -10.56
N GLY B 428 24.34 -24.36 -11.81
CA GLY B 428 25.48 -24.10 -12.70
C GLY B 428 26.63 -23.44 -11.94
N GLU B 429 26.36 -22.31 -11.30
CA GLU B 429 27.42 -21.57 -10.57
C GLU B 429 28.19 -22.55 -9.67
N LYS B 430 27.50 -23.47 -9.00
CA LYS B 430 28.06 -24.37 -7.94
C LYS B 430 28.55 -25.69 -8.53
N THR B 431 27.95 -26.15 -9.64
CA THR B 431 28.29 -27.48 -10.26
C THR B 431 29.08 -27.30 -11.57
N ARG B 432 29.64 -26.13 -11.82
CA ARG B 432 30.48 -25.80 -13.01
C ARG B 432 29.72 -26.17 -14.29
N ASN B 433 28.45 -25.77 -14.38
CA ASN B 433 27.64 -25.98 -15.62
C ASN B 433 27.38 -27.46 -15.89
N GLN B 434 27.64 -28.34 -14.90
CA GLN B 434 27.27 -29.77 -15.10
C GLN B 434 25.74 -29.80 -15.26
N MET B 435 25.02 -29.02 -14.44
CA MET B 435 23.54 -28.90 -14.60
C MET B 435 23.17 -27.45 -14.27
N GLY B 436 22.54 -26.75 -15.21
CA GLY B 436 22.26 -25.32 -14.98
C GLY B 436 20.83 -24.92 -15.31
N VAL B 437 20.66 -23.82 -16.05
CA VAL B 437 19.29 -23.29 -16.31
C VAL B 437 18.63 -24.17 -17.38
N SER B 438 19.38 -24.53 -18.43
CA SER B 438 18.91 -25.35 -19.58
C SER B 438 18.41 -26.74 -19.15
N GLU B 439 19.10 -27.41 -18.23
CA GLU B 439 18.70 -28.77 -17.81
C GLU B 439 17.47 -28.70 -16.89
N LEU B 440 17.41 -27.68 -16.03
CA LEU B 440 16.30 -27.49 -15.06
C LEU B 440 15.03 -27.11 -15.86
N LEU B 441 15.15 -26.21 -16.85
CA LEU B 441 14.02 -25.78 -17.70
C LEU B 441 13.45 -26.98 -18.47
N ILE B 442 14.31 -27.84 -19.02
CA ILE B 442 13.88 -29.02 -19.85
C ILE B 442 13.25 -30.07 -18.93
N SER B 443 13.84 -30.32 -17.76
CA SER B 443 13.30 -31.21 -16.69
C SER B 443 11.90 -30.73 -16.27
N THR B 444 11.80 -29.47 -15.81
CA THR B 444 10.56 -28.79 -15.34
C THR B 444 9.51 -28.79 -16.45
N ALA B 445 9.92 -28.70 -17.72
CA ALA B 445 9.03 -28.72 -18.90
C ALA B 445 8.53 -30.15 -19.14
N VAL B 446 9.46 -31.11 -19.29
CA VAL B 446 9.21 -32.53 -19.66
C VAL B 446 8.34 -33.17 -18.56
N GLN B 447 8.83 -33.20 -17.32
CA GLN B 447 8.16 -33.85 -16.15
C GLN B 447 6.79 -33.20 -15.92
N GLY B 448 6.68 -31.88 -16.09
CA GLY B 448 5.44 -31.11 -15.96
C GLY B 448 4.37 -31.56 -16.94
N ILE B 449 4.74 -31.76 -18.22
CA ILE B 449 3.80 -32.20 -19.30
C ILE B 449 3.31 -33.62 -18.99
N LEU B 450 4.23 -34.54 -18.68
CA LEU B 450 3.91 -35.95 -18.31
C LEU B 450 2.96 -35.96 -17.11
N PHE B 451 3.35 -35.29 -16.03
CA PHE B 451 2.59 -35.26 -14.74
C PHE B 451 1.23 -34.57 -14.93
N ALA B 452 1.17 -33.55 -15.78
CA ALA B 452 -0.09 -32.84 -16.14
C ALA B 452 -1.07 -33.83 -16.78
N LEU B 453 -0.58 -34.74 -17.63
CA LEU B 453 -1.41 -35.70 -18.42
C LEU B 453 -1.69 -36.98 -17.61
N LEU B 454 -0.77 -37.40 -16.74
CA LEU B 454 -0.82 -38.72 -16.05
C LEU B 454 -1.11 -38.60 -14.55
N GLY B 455 -0.85 -37.45 -13.92
CA GLY B 455 -0.93 -37.24 -12.47
C GLY B 455 -2.34 -37.44 -11.92
N ALA B 456 -2.44 -37.89 -10.67
CA ALA B 456 -3.71 -38.10 -9.93
C ALA B 456 -4.25 -36.74 -9.44
N GLN B 457 -3.35 -35.82 -9.07
CA GLN B 457 -3.67 -34.42 -8.70
C GLN B 457 -2.86 -33.49 -9.62
N PRO B 458 -3.40 -33.13 -10.81
CA PRO B 458 -2.74 -32.17 -11.71
C PRO B 458 -2.45 -30.78 -11.13
N LEU B 459 -3.21 -30.35 -10.12
CA LEU B 459 -3.04 -29.05 -9.42
C LEU B 459 -1.67 -28.99 -8.72
N LEU B 460 -1.09 -30.14 -8.36
CA LEU B 460 0.33 -30.24 -7.92
C LEU B 460 1.23 -29.75 -9.07
N VAL B 461 1.93 -28.63 -8.87
CA VAL B 461 2.90 -28.04 -9.84
C VAL B 461 4.29 -28.62 -9.53
N VAL B 462 4.79 -29.50 -10.40
CA VAL B 462 6.10 -30.21 -10.22
C VAL B 462 7.24 -29.27 -10.62
N GLY B 463 8.28 -29.17 -9.78
CA GLY B 463 9.45 -28.32 -10.05
C GLY B 463 10.52 -28.44 -8.97
N PHE B 464 11.67 -27.80 -9.19
CA PHE B 464 12.89 -27.89 -8.35
C PHE B 464 12.76 -26.90 -7.19
N SER B 465 13.27 -27.27 -6.02
CA SER B 465 13.08 -26.58 -4.72
C SER B 465 14.43 -26.39 -4.02
N GLY B 466 14.45 -25.50 -3.01
CA GLY B 466 15.59 -25.28 -2.11
C GLY B 466 16.11 -26.58 -1.50
N PRO B 467 15.23 -27.42 -0.89
CA PRO B 467 15.60 -28.76 -0.44
C PRO B 467 16.50 -29.55 -1.41
N LEU B 468 16.13 -29.57 -2.69
CA LEU B 468 16.88 -30.28 -3.75
C LEU B 468 18.17 -29.53 -4.06
N LEU B 469 18.12 -28.19 -4.21
CA LEU B 469 19.29 -27.31 -4.42
C LEU B 469 20.39 -27.65 -3.41
N VAL B 470 20.02 -27.78 -2.14
CA VAL B 470 20.94 -28.04 -1.00
C VAL B 470 21.56 -29.44 -1.16
N PHE B 471 20.81 -30.41 -1.69
CA PHE B 471 21.31 -31.78 -1.97
C PHE B 471 22.29 -31.75 -3.16
N GLU B 472 21.86 -31.24 -4.31
CA GLU B 472 22.72 -31.27 -5.53
C GLU B 472 24.10 -30.71 -5.17
N GLU B 473 24.15 -29.51 -4.58
CA GLU B 473 25.45 -28.86 -4.26
C GLU B 473 26.21 -29.70 -3.21
N ALA B 474 25.50 -30.36 -2.28
CA ALA B 474 26.09 -31.21 -1.23
C ALA B 474 26.66 -32.50 -1.83
N PHE B 475 26.03 -33.04 -2.88
CA PHE B 475 26.47 -34.27 -3.59
C PHE B 475 27.67 -33.94 -4.51
N PHE B 476 27.66 -32.77 -5.14
CA PHE B 476 28.80 -32.23 -5.95
C PHE B 476 30.02 -32.08 -5.03
N SER B 477 29.88 -31.33 -3.93
CA SER B 477 30.94 -31.04 -2.93
C SER B 477 31.60 -32.34 -2.45
N PHE B 478 30.80 -33.42 -2.31
CA PHE B 478 31.27 -34.78 -1.96
C PHE B 478 31.98 -35.42 -3.17
N CYS B 479 31.36 -35.37 -4.35
CA CYS B 479 31.83 -36.02 -5.60
C CYS B 479 33.23 -35.50 -6.00
N GLU B 480 33.48 -34.20 -5.86
CA GLU B 480 34.79 -33.56 -6.19
C GLU B 480 35.87 -34.09 -5.25
N THR B 481 35.55 -34.18 -3.94
CA THR B 481 36.46 -34.64 -2.85
C THR B 481 36.86 -36.10 -3.09
N ASN B 482 35.89 -36.97 -3.40
CA ASN B 482 36.07 -38.42 -3.57
C ASN B 482 36.51 -38.76 -5.01
N GLY B 483 36.55 -37.77 -5.92
CA GLY B 483 37.04 -37.91 -7.30
C GLY B 483 36.08 -38.70 -8.16
N LEU B 484 34.80 -38.34 -8.11
CA LEU B 484 33.67 -39.04 -8.77
C LEU B 484 33.04 -38.04 -9.76
N GLU B 485 32.68 -38.50 -10.95
CA GLU B 485 31.98 -37.68 -11.99
C GLU B 485 30.56 -37.43 -11.47
N TYR B 486 30.25 -36.20 -11.05
CA TYR B 486 28.92 -35.89 -10.46
C TYR B 486 27.77 -36.30 -11.39
N ILE B 487 27.73 -35.75 -12.61
CA ILE B 487 26.58 -36.02 -13.52
C ILE B 487 26.33 -37.52 -13.66
N VAL B 488 27.34 -38.36 -13.39
CA VAL B 488 27.22 -39.84 -13.51
C VAL B 488 26.66 -40.38 -12.18
N GLY B 489 27.22 -39.92 -11.06
CA GLY B 489 26.84 -40.33 -9.68
C GLY B 489 25.35 -40.19 -9.41
N ARG B 490 24.68 -39.24 -10.08
CA ARG B 490 23.22 -39.02 -9.88
C ARG B 490 22.44 -40.10 -10.62
N VAL B 491 22.95 -40.55 -11.77
CA VAL B 491 22.26 -41.60 -12.59
C VAL B 491 22.05 -42.85 -11.72
N TRP B 492 22.99 -43.13 -10.81
CA TRP B 492 22.90 -44.26 -9.84
C TRP B 492 21.84 -43.94 -8.80
N ILE B 493 21.92 -42.75 -8.18
CA ILE B 493 20.91 -42.22 -7.21
C ILE B 493 19.52 -42.33 -7.87
N GLY B 494 19.42 -42.05 -9.16
CA GLY B 494 18.18 -42.16 -9.95
C GLY B 494 17.64 -43.59 -9.96
N PHE B 495 18.48 -44.58 -10.22
CA PHE B 495 18.10 -46.02 -10.30
C PHE B 495 17.52 -46.48 -8.96
N TRP B 496 18.08 -46.00 -7.84
CA TRP B 496 17.62 -46.34 -6.47
C TRP B 496 16.29 -45.64 -6.17
N LEU B 497 16.12 -44.40 -6.60
CA LEU B 497 14.83 -43.65 -6.52
C LEU B 497 13.77 -44.37 -7.34
N ILE B 498 14.13 -44.91 -8.52
CA ILE B 498 13.22 -45.73 -9.38
C ILE B 498 12.90 -47.05 -8.67
N LEU B 499 13.88 -47.65 -7.98
CA LEU B 499 13.71 -48.92 -7.24
C LEU B 499 12.84 -48.68 -6.00
N LEU B 500 13.25 -47.75 -5.13
CA LEU B 500 12.62 -47.49 -3.81
C LEU B 500 11.15 -47.09 -3.96
N VAL B 501 10.82 -46.26 -4.96
CA VAL B 501 9.44 -45.73 -5.17
C VAL B 501 8.50 -46.88 -5.57
N VAL B 502 8.95 -47.78 -6.44
CA VAL B 502 8.16 -48.96 -6.91
C VAL B 502 7.93 -49.90 -5.72
N LEU B 503 8.97 -50.15 -4.93
CA LEU B 503 8.93 -50.97 -3.69
C LEU B 503 7.93 -50.38 -2.68
N VAL B 504 7.89 -49.05 -2.56
CA VAL B 504 6.94 -48.32 -1.66
C VAL B 504 5.52 -48.42 -2.23
N VAL B 505 5.34 -48.09 -3.51
CA VAL B 505 4.02 -48.10 -4.22
C VAL B 505 3.46 -49.53 -4.26
N ALA B 506 4.33 -50.55 -4.30
CA ALA B 506 3.97 -51.99 -4.27
C ALA B 506 3.23 -52.33 -2.98
N PHE B 507 3.79 -51.95 -1.82
CA PHE B 507 3.25 -52.26 -0.47
C PHE B 507 2.27 -51.17 0.01
N GLU B 508 1.82 -50.28 -0.89
CA GLU B 508 0.94 -49.12 -0.59
C GLU B 508 1.51 -48.32 0.57
N GLY B 509 2.83 -48.07 0.57
CA GLY B 509 3.55 -47.28 1.60
C GLY B 509 3.13 -45.83 1.64
N SER B 510 2.55 -45.32 0.53
CA SER B 510 1.98 -43.96 0.40
C SER B 510 0.73 -43.78 1.29
N PHE B 511 0.23 -44.86 1.90
CA PHE B 511 -0.89 -44.83 2.89
C PHE B 511 -0.47 -44.01 4.12
N LEU B 512 0.81 -44.07 4.50
CA LEU B 512 1.39 -43.40 5.71
C LEU B 512 1.01 -41.92 5.76
N VAL B 513 0.73 -41.31 4.60
CA VAL B 513 0.13 -39.95 4.40
C VAL B 513 -1.05 -39.73 5.36
N ARG B 514 -1.89 -40.74 5.59
CA ARG B 514 -3.08 -40.64 6.49
C ARG B 514 -2.65 -40.19 7.89
N PHE B 515 -1.46 -40.61 8.36
CA PHE B 515 -0.92 -40.34 9.72
C PHE B 515 -0.33 -38.92 9.79
N ILE B 516 -0.04 -38.29 8.65
CA ILE B 516 0.38 -36.86 8.57
C ILE B 516 -0.83 -36.03 8.98
N SER B 517 -0.79 -35.46 10.19
CA SER B 517 -1.90 -34.67 10.80
C SER B 517 -1.83 -33.23 10.31
N ARG B 518 -2.92 -32.48 10.48
CA ARG B 518 -3.01 -31.01 10.22
C ARG B 518 -1.81 -30.32 10.90
N TYR B 519 -1.62 -30.57 12.19
CA TYR B 519 -0.50 -29.97 12.97
C TYR B 519 0.77 -29.91 12.11
N THR B 520 1.20 -31.05 11.58
CA THR B 520 2.44 -31.12 10.76
C THR B 520 2.22 -30.39 9.43
N GLN B 521 1.09 -30.63 8.76
CA GLN B 521 0.70 -29.97 7.48
C GLN B 521 0.72 -28.45 7.65
N GLU B 522 0.28 -27.96 8.82
CA GLU B 522 0.28 -26.52 9.21
C GLU B 522 1.72 -26.01 9.31
N ILE B 523 2.56 -26.71 10.09
CA ILE B 523 4.00 -26.38 10.30
C ILE B 523 4.70 -26.34 8.94
N PHE B 524 4.42 -27.32 8.08
CA PHE B 524 4.91 -27.42 6.69
C PHE B 524 4.39 -26.24 5.87
N SER B 525 3.08 -25.99 5.91
CA SER B 525 2.39 -24.88 5.19
C SER B 525 3.02 -23.53 5.58
N PHE B 526 3.28 -23.35 6.87
CA PHE B 526 3.78 -22.07 7.46
C PHE B 526 5.27 -21.90 7.13
N LEU B 527 6.11 -22.86 7.56
CA LEU B 527 7.60 -22.79 7.44
C LEU B 527 7.99 -22.43 6.00
N ILE B 528 7.40 -23.08 5.00
CA ILE B 528 7.76 -22.89 3.56
C ILE B 528 7.25 -21.52 3.11
N SER B 529 6.08 -21.09 3.58
CA SER B 529 5.50 -19.75 3.27
C SER B 529 6.43 -18.64 3.81
N LEU B 530 6.98 -18.83 5.02
CA LEU B 530 7.97 -17.91 5.64
C LEU B 530 9.25 -17.87 4.79
N ILE B 531 9.75 -19.03 4.37
CA ILE B 531 11.01 -19.20 3.57
C ILE B 531 10.83 -18.46 2.23
N PHE B 532 9.72 -18.71 1.53
CA PHE B 532 9.38 -18.12 0.21
C PHE B 532 9.28 -16.60 0.32
N ILE B 533 8.80 -16.09 1.46
CA ILE B 533 8.75 -14.62 1.78
C ILE B 533 10.17 -14.13 2.08
N TYR B 534 10.94 -14.88 2.87
CA TYR B 534 12.33 -14.53 3.28
C TYR B 534 13.24 -14.48 2.05
N GLU B 535 13.12 -15.47 1.15
CA GLU B 535 13.92 -15.58 -0.10
C GLU B 535 13.60 -14.40 -1.03
N THR B 536 12.34 -13.97 -1.08
CA THR B 536 11.85 -12.85 -1.94
C THR B 536 12.50 -11.53 -1.50
N PHE B 537 12.56 -11.26 -0.20
CA PHE B 537 13.13 -10.02 0.39
C PHE B 537 14.66 -10.02 0.23
N SER B 538 15.31 -11.17 0.48
CA SER B 538 16.78 -11.36 0.34
C SER B 538 17.13 -11.10 -1.14
N LYS B 539 16.21 -11.41 -2.05
CA LYS B 539 16.37 -11.15 -3.52
C LYS B 539 16.38 -9.62 -3.81
N LEU B 540 15.52 -8.85 -3.12
CA LEU B 540 15.50 -7.37 -3.17
C LEU B 540 16.67 -6.72 -2.42
N ILE B 541 16.99 -7.22 -1.22
CA ILE B 541 18.15 -6.77 -0.38
C ILE B 541 19.44 -6.86 -1.21
N LYS B 542 19.59 -7.91 -2.03
CA LYS B 542 20.78 -8.17 -2.88
C LYS B 542 20.98 -7.05 -3.90
N ILE B 543 19.91 -6.41 -4.38
CA ILE B 543 19.99 -5.29 -5.38
C ILE B 543 20.60 -4.07 -4.69
N PHE B 544 20.26 -3.81 -3.42
CA PHE B 544 20.80 -2.69 -2.61
C PHE B 544 22.26 -2.96 -2.25
N GLN B 545 22.64 -4.22 -2.07
CA GLN B 545 24.05 -4.64 -1.85
C GLN B 545 24.85 -4.46 -3.14
N ASP B 546 24.25 -4.78 -4.29
CA ASP B 546 24.90 -4.75 -5.63
C ASP B 546 24.90 -3.34 -6.22
N HIS B 547 23.89 -2.52 -5.91
CA HIS B 547 23.73 -1.12 -6.41
C HIS B 547 23.37 -0.19 -5.25
N PRO B 548 24.26 -0.02 -4.23
CA PRO B 548 23.95 0.82 -3.07
C PRO B 548 23.72 2.30 -3.40
N LEU B 549 22.99 2.99 -2.53
CA LEU B 549 22.76 4.46 -2.61
C LEU B 549 24.06 5.18 -2.24
N GLN B 550 24.83 5.57 -3.27
CA GLN B 550 26.15 6.23 -3.15
C GLN B 550 25.99 7.71 -3.56
N LYS B 551 26.92 8.57 -3.13
CA LYS B 551 26.99 10.01 -3.51
C LYS B 551 27.49 10.12 -4.96
N THR B 552 28.43 9.25 -5.37
CA THR B 552 29.03 9.22 -6.73
C THR B 552 28.95 7.80 -7.31
N TYR B 553 28.97 7.70 -8.65
CA TYR B 553 28.90 6.45 -9.44
C TYR B 553 29.81 6.57 -10.66
N ASN B 554 30.58 5.50 -10.96
CA ASN B 554 31.49 5.43 -12.13
C ASN B 554 30.70 4.90 -13.33
N TYR B 555 30.71 5.64 -14.45
CA TYR B 555 29.97 5.33 -15.70
C TYR B 555 30.91 4.71 -16.74
N ASN B 556 32.17 4.48 -16.38
CA ASN B 556 33.16 3.70 -17.17
C ASN B 556 33.10 2.24 -16.68
N VAL B 557 31.93 1.61 -16.85
CA VAL B 557 31.63 0.20 -16.41
C VAL B 557 30.91 -0.53 -17.55
N LEU B 558 31.30 -1.78 -17.79
CA LEU B 558 30.70 -2.67 -18.83
C LEU B 558 29.33 -3.17 -18.35
N MET B 559 28.39 -3.37 -19.28
CA MET B 559 27.03 -3.92 -19.00
C MET B 559 26.66 -5.14 -19.88
N VAL B 560 27.62 -5.64 -20.67
CA VAL B 560 27.48 -6.86 -21.54
C VAL B 560 27.12 -8.11 -20.73
N PRO B 561 27.95 -8.58 -19.77
CA PRO B 561 27.55 -9.70 -18.92
C PRO B 561 26.48 -9.26 -17.90
N LYS B 562 26.70 -8.10 -17.28
CA LYS B 562 25.82 -7.41 -16.29
C LYS B 562 26.60 -6.20 -15.79
N PRO B 563 25.97 -5.20 -15.11
CA PRO B 563 26.72 -4.13 -14.48
C PRO B 563 27.87 -4.65 -13.59
N GLN B 564 29.10 -4.22 -13.86
CA GLN B 564 30.31 -4.65 -13.11
C GLN B 564 30.29 -4.00 -11.73
N GLY B 565 30.23 -2.66 -11.70
CA GLY B 565 30.15 -1.84 -10.48
C GLY B 565 28.72 -1.37 -10.22
N PRO B 566 28.49 -0.63 -9.11
CA PRO B 566 27.14 -0.16 -8.77
C PRO B 566 26.66 0.98 -9.68
N LEU B 567 25.34 1.13 -9.79
CA LEU B 567 24.66 2.11 -10.70
C LEU B 567 23.65 2.93 -9.90
N PRO B 568 23.32 4.16 -10.35
CA PRO B 568 22.25 4.95 -9.72
C PRO B 568 20.85 4.56 -10.21
N ASN B 569 19.85 4.72 -9.34
CA ASN B 569 18.39 4.61 -9.64
C ASN B 569 17.95 3.15 -9.83
N THR B 570 18.85 2.17 -9.67
CA THR B 570 18.60 0.74 -9.99
C THR B 570 17.80 0.09 -8.86
N ALA B 571 18.19 0.36 -7.62
CA ALA B 571 17.76 -0.38 -6.43
C ALA B 571 16.42 0.17 -5.93
N LEU B 572 16.22 1.49 -5.95
CA LEU B 572 14.96 2.14 -5.52
C LEU B 572 13.86 1.89 -6.57
N LEU B 573 14.18 1.93 -7.86
CA LEU B 573 13.21 1.63 -8.94
C LEU B 573 12.76 0.17 -8.78
N SER B 574 13.68 -0.73 -8.46
CA SER B 574 13.41 -2.15 -8.13
C SER B 574 12.42 -2.23 -6.97
N LEU B 575 12.74 -1.58 -5.84
CA LEU B 575 11.86 -1.47 -4.64
C LEU B 575 10.47 -0.95 -5.07
N VAL B 576 10.43 0.12 -5.87
CA VAL B 576 9.18 0.74 -6.38
C VAL B 576 8.44 -0.27 -7.28
N LEU B 577 9.17 -0.99 -8.15
CA LEU B 577 8.59 -1.99 -9.09
C LEU B 577 8.03 -3.19 -8.31
N MET B 578 8.69 -3.60 -7.22
CA MET B 578 8.22 -4.69 -6.32
C MET B 578 6.97 -4.21 -5.58
N ALA B 579 7.10 -3.11 -4.83
CA ALA B 579 6.03 -2.49 -3.98
C ALA B 579 4.79 -2.19 -4.84
N GLY B 580 4.98 -1.73 -6.08
CA GLY B 580 3.90 -1.40 -7.01
C GLY B 580 3.09 -2.61 -7.42
N THR B 581 3.77 -3.70 -7.81
CA THR B 581 3.15 -4.96 -8.31
C THR B 581 2.39 -5.63 -7.16
N PHE B 582 3.00 -5.70 -5.97
CA PHE B 582 2.41 -6.29 -4.74
C PHE B 582 1.16 -5.50 -4.32
N PHE B 583 1.24 -4.16 -4.37
CA PHE B 583 0.10 -3.23 -4.15
C PHE B 583 -1.04 -3.58 -5.12
N PHE B 584 -0.77 -3.52 -6.43
CA PHE B 584 -1.74 -3.82 -7.52
C PHE B 584 -2.27 -5.25 -7.39
N ALA B 585 -1.51 -6.17 -6.80
CA ALA B 585 -1.92 -7.57 -6.53
C ALA B 585 -2.97 -7.60 -5.41
N MET B 586 -2.65 -6.96 -4.27
CA MET B 586 -3.47 -7.00 -3.03
C MET B 586 -4.78 -6.21 -3.23
N MET B 587 -4.72 -5.06 -3.91
CA MET B 587 -5.90 -4.20 -4.19
C MET B 587 -6.87 -4.94 -5.13
N LEU B 588 -6.34 -5.69 -6.10
CA LEU B 588 -7.16 -6.48 -7.07
C LEU B 588 -7.76 -7.72 -6.38
N ARG B 589 -7.07 -8.26 -5.37
CA ARG B 589 -7.59 -9.35 -4.50
C ARG B 589 -8.72 -8.78 -3.61
N LYS B 590 -8.54 -7.57 -3.10
CA LYS B 590 -9.56 -6.81 -2.32
C LYS B 590 -10.74 -6.47 -3.24
N PHE B 591 -10.46 -6.03 -4.46
CA PHE B 591 -11.46 -5.64 -5.50
C PHE B 591 -12.29 -6.86 -5.93
N LYS B 592 -11.65 -8.03 -6.06
CA LYS B 592 -12.27 -9.31 -6.51
C LYS B 592 -13.54 -9.59 -5.69
N ASN B 593 -13.43 -9.54 -4.35
CA ASN B 593 -14.54 -9.83 -3.39
C ASN B 593 -15.09 -8.51 -2.83
N SER B 594 -15.12 -7.45 -3.64
CA SER B 594 -15.66 -6.11 -3.28
C SER B 594 -17.06 -5.94 -3.89
N SER B 595 -17.66 -4.76 -3.70
CA SER B 595 -19.06 -4.42 -4.10
C SER B 595 -19.10 -3.56 -5.37
N TYR B 596 -17.96 -2.99 -5.78
CA TYR B 596 -17.87 -2.04 -6.93
C TYR B 596 -17.88 -2.82 -8.26
N PHE B 597 -18.37 -2.18 -9.33
CA PHE B 597 -18.42 -2.67 -10.73
C PHE B 597 -19.38 -3.86 -10.85
N PRO B 598 -19.88 -4.17 -12.07
CA PRO B 598 -20.77 -5.32 -12.27
C PRO B 598 -20.07 -6.67 -12.01
N GLY B 599 -20.83 -7.64 -11.48
CA GLY B 599 -20.34 -8.96 -11.02
C GLY B 599 -19.54 -9.70 -12.07
N LYS B 600 -19.97 -9.64 -13.33
CA LYS B 600 -19.33 -10.33 -14.49
C LYS B 600 -17.93 -9.74 -14.74
N LEU B 601 -17.80 -8.40 -14.66
CA LEU B 601 -16.53 -7.67 -14.96
C LEU B 601 -15.61 -7.67 -13.73
N ARG B 602 -16.18 -7.62 -12.52
CA ARG B 602 -15.42 -7.56 -11.23
C ARG B 602 -14.66 -8.86 -11.00
N ARG B 603 -15.27 -10.01 -11.29
CA ARG B 603 -14.67 -11.36 -11.09
C ARG B 603 -13.53 -11.56 -12.09
N VAL B 604 -13.72 -11.16 -13.35
CA VAL B 604 -12.72 -11.30 -14.47
C VAL B 604 -11.47 -10.50 -14.09
N ILE B 605 -11.65 -9.22 -13.71
CA ILE B 605 -10.55 -8.30 -13.27
C ILE B 605 -9.88 -8.90 -12.02
N GLY B 606 -10.66 -9.44 -11.09
CA GLY B 606 -10.17 -10.10 -9.86
C GLY B 606 -9.41 -11.39 -10.15
N ASP B 607 -9.91 -12.19 -11.10
CA ASP B 607 -9.30 -13.49 -11.52
C ASP B 607 -7.98 -13.22 -12.24
N PHE B 608 -7.96 -12.25 -13.16
CA PHE B 608 -6.74 -11.74 -13.84
C PHE B 608 -6.10 -10.63 -12.98
N GLY B 609 -5.90 -10.90 -11.69
CA GLY B 609 -5.39 -9.92 -10.71
C GLY B 609 -3.89 -9.72 -10.90
N VAL B 610 -3.13 -10.82 -10.82
CA VAL B 610 -1.64 -10.84 -10.94
C VAL B 610 -1.23 -10.54 -12.38
N PRO B 611 -1.84 -11.15 -13.43
CA PRO B 611 -1.60 -10.75 -14.82
C PRO B 611 -1.67 -9.23 -15.08
N ILE B 612 -2.66 -8.54 -14.49
CA ILE B 612 -2.83 -7.06 -14.61
C ILE B 612 -1.76 -6.37 -13.75
N SER B 613 -1.52 -6.86 -12.53
CA SER B 613 -0.49 -6.34 -11.59
C SER B 613 0.88 -6.28 -12.27
N ILE B 614 1.27 -7.39 -12.93
CA ILE B 614 2.57 -7.54 -13.66
C ILE B 614 2.56 -6.59 -14.86
N LEU B 615 1.57 -6.72 -15.75
CA LEU B 615 1.45 -5.98 -17.04
C LEU B 615 1.66 -4.48 -16.81
N ILE B 616 1.03 -3.91 -15.78
CA ILE B 616 1.15 -2.47 -15.41
C ILE B 616 2.62 -2.16 -15.13
N MET B 617 3.22 -2.85 -14.15
CA MET B 617 4.56 -2.52 -13.58
C MET B 617 5.68 -2.95 -14.54
N VAL B 618 5.40 -3.85 -15.49
CA VAL B 618 6.33 -4.20 -16.62
C VAL B 618 6.34 -3.03 -17.61
N LEU B 619 5.18 -2.43 -17.89
CA LEU B 619 5.04 -1.24 -18.78
C LEU B 619 5.67 -0.01 -18.12
N VAL B 620 5.51 0.14 -16.80
CA VAL B 620 6.14 1.23 -15.98
C VAL B 620 7.63 1.29 -16.33
N ASP B 621 8.34 0.17 -16.22
CA ASP B 621 9.81 0.07 -16.38
C ASP B 621 10.20 0.20 -17.86
N PHE B 622 9.33 -0.24 -18.79
CA PHE B 622 9.54 -0.15 -20.26
C PHE B 622 9.68 1.32 -20.69
N PHE B 623 8.87 2.22 -20.10
CA PHE B 623 8.83 3.67 -20.41
C PHE B 623 9.92 4.43 -19.64
N ILE B 624 10.62 3.78 -18.71
CA ILE B 624 11.90 4.29 -18.11
C ILE B 624 13.05 3.78 -18.99
N GLN B 625 13.61 4.66 -19.83
CA GLN B 625 14.60 4.30 -20.88
C GLN B 625 16.00 4.15 -20.24
N ASP B 626 16.40 5.15 -19.45
CA ASP B 626 17.80 5.35 -18.98
C ASP B 626 18.17 4.32 -17.91
N THR B 627 17.38 4.23 -16.85
CA THR B 627 17.65 3.42 -15.63
C THR B 627 17.73 1.92 -15.97
N TYR B 628 18.81 1.26 -15.58
CA TYR B 628 18.98 -0.22 -15.62
C TYR B 628 18.30 -0.84 -14.40
N THR B 629 17.75 -2.04 -14.57
CA THR B 629 17.36 -2.98 -13.47
C THR B 629 17.26 -4.40 -14.05
N GLN B 630 17.67 -5.40 -13.24
CA GLN B 630 17.82 -6.83 -13.60
C GLN B 630 16.53 -7.33 -14.30
N LYS B 631 16.68 -7.98 -15.45
CA LYS B 631 15.58 -8.57 -16.26
C LYS B 631 15.63 -10.10 -16.14
N LEU B 632 14.68 -10.80 -16.76
CA LEU B 632 14.69 -12.30 -16.88
C LEU B 632 15.75 -12.71 -17.90
N SER B 633 16.59 -13.68 -17.53
CA SER B 633 17.76 -14.18 -18.32
C SER B 633 17.61 -15.68 -18.56
N VAL B 634 17.48 -16.09 -19.83
CA VAL B 634 17.45 -17.52 -20.28
C VAL B 634 18.69 -17.77 -21.14
N PRO B 635 19.14 -19.04 -21.30
CA PRO B 635 20.20 -19.37 -22.26
C PRO B 635 19.85 -19.03 -23.72
N ASP B 636 20.84 -19.13 -24.61
CA ASP B 636 20.75 -18.74 -26.04
C ASP B 636 19.76 -19.66 -26.77
N GLY B 637 19.92 -20.99 -26.59
CA GLY B 637 19.04 -22.01 -27.19
C GLY B 637 19.03 -23.30 -26.38
N PHE B 638 18.38 -24.34 -26.91
CA PHE B 638 18.28 -25.69 -26.29
C PHE B 638 19.60 -26.43 -26.48
N LYS B 639 20.59 -26.10 -25.63
CA LYS B 639 21.94 -26.72 -25.62
C LYS B 639 22.31 -27.09 -24.19
N VAL B 640 23.20 -28.08 -24.04
CA VAL B 640 23.88 -28.45 -22.76
C VAL B 640 24.63 -27.22 -22.23
N SER B 641 24.58 -27.00 -20.92
CA SER B 641 25.24 -25.81 -20.30
C SER B 641 26.75 -25.86 -20.57
N ASN B 642 27.37 -27.03 -20.37
CA ASN B 642 28.82 -27.21 -20.62
C ASN B 642 29.02 -28.46 -21.48
N SER B 643 29.27 -28.28 -22.79
CA SER B 643 29.50 -29.36 -23.79
C SER B 643 30.79 -30.12 -23.48
N SER B 644 31.81 -29.43 -22.94
CA SER B 644 33.13 -29.99 -22.57
C SER B 644 32.99 -30.99 -21.41
N ALA B 645 32.09 -30.73 -20.46
CA ALA B 645 31.86 -31.56 -19.25
C ALA B 645 31.10 -32.83 -19.60
N ARG B 646 29.91 -32.68 -20.21
CA ARG B 646 28.92 -33.77 -20.41
C ARG B 646 28.26 -33.68 -21.79
N GLY B 647 27.39 -34.64 -22.10
CA GLY B 647 26.48 -34.62 -23.26
C GLY B 647 25.03 -34.55 -22.78
N TRP B 648 24.08 -34.92 -23.64
CA TRP B 648 22.64 -35.02 -23.30
C TRP B 648 22.42 -36.26 -22.44
N VAL B 649 22.78 -37.45 -22.94
CA VAL B 649 22.63 -38.77 -22.24
C VAL B 649 23.94 -39.09 -21.54
N ILE B 650 23.89 -39.37 -20.23
CA ILE B 650 25.08 -39.58 -19.35
C ILE B 650 25.23 -41.10 -19.15
N HIS B 651 26.44 -41.61 -19.36
CA HIS B 651 26.79 -43.05 -19.32
C HIS B 651 27.02 -43.45 -17.85
N PRO B 652 26.34 -44.50 -17.32
CA PRO B 652 26.51 -44.91 -15.93
C PRO B 652 27.92 -45.37 -15.50
N LEU B 653 28.63 -46.14 -16.35
CA LEU B 653 29.97 -46.70 -16.02
C LEU B 653 31.06 -45.68 -16.36
N GLY B 654 30.87 -44.40 -16.00
CA GLY B 654 31.91 -43.38 -16.23
C GLY B 654 31.87 -42.77 -17.61
N LEU B 655 31.57 -41.47 -17.70
CA LEU B 655 31.57 -40.75 -19.00
C LEU B 655 33.01 -40.70 -19.55
N ARG B 656 33.97 -40.28 -18.73
CA ARG B 656 35.42 -40.18 -19.06
C ARG B 656 36.19 -41.24 -18.25
N SER B 657 36.30 -41.03 -16.93
CA SER B 657 37.03 -41.92 -15.97
C SER B 657 36.10 -43.06 -15.53
N GLU B 658 36.60 -44.29 -15.54
CA GLU B 658 35.84 -45.54 -15.19
C GLU B 658 35.23 -45.37 -13.80
N PHE B 659 33.89 -45.33 -13.71
CA PHE B 659 33.11 -45.06 -12.47
C PHE B 659 33.28 -46.22 -11.50
N PRO B 660 33.51 -45.96 -10.19
CA PRO B 660 33.74 -47.03 -9.22
C PRO B 660 32.49 -47.83 -8.90
N ILE B 661 32.65 -49.12 -8.58
CA ILE B 661 31.55 -50.10 -8.36
C ILE B 661 30.89 -49.81 -7.00
N TRP B 662 31.65 -49.32 -6.01
CA TRP B 662 31.15 -49.00 -4.65
C TRP B 662 30.09 -47.90 -4.71
N MET B 663 30.28 -46.86 -5.52
CA MET B 663 29.31 -45.74 -5.67
C MET B 663 28.06 -46.19 -6.43
N MET B 664 28.18 -47.17 -7.33
CA MET B 664 27.03 -47.72 -8.12
C MET B 664 25.99 -48.32 -7.17
N PHE B 665 26.44 -48.82 -6.00
CA PHE B 665 25.58 -49.45 -4.95
C PHE B 665 25.49 -48.56 -3.69
N ALA B 666 26.46 -47.69 -3.43
CA ALA B 666 26.45 -46.74 -2.29
C ALA B 666 25.63 -45.48 -2.61
N SER B 667 25.20 -45.31 -3.86
CA SER B 667 24.28 -44.21 -4.30
C SER B 667 22.87 -44.42 -3.74
N ALA B 668 22.58 -45.60 -3.18
CA ALA B 668 21.31 -45.93 -2.48
C ALA B 668 21.13 -45.04 -1.25
N LEU B 669 22.21 -44.73 -0.51
CA LEU B 669 22.17 -43.93 0.75
C LEU B 669 21.72 -42.50 0.44
N PRO B 670 22.31 -41.77 -0.54
CA PRO B 670 21.75 -40.50 -0.99
C PRO B 670 20.33 -40.60 -1.56
N ALA B 671 20.01 -41.66 -2.32
CA ALA B 671 18.70 -41.88 -2.97
C ALA B 671 17.60 -42.03 -1.91
N LEU B 672 17.89 -42.74 -0.82
CA LEU B 672 17.01 -42.87 0.37
C LEU B 672 16.71 -41.47 0.93
N LEU B 673 17.73 -40.61 1.02
CA LEU B 673 17.61 -39.19 1.47
C LEU B 673 16.78 -38.39 0.45
N VAL B 674 17.11 -38.49 -0.84
CA VAL B 674 16.42 -37.75 -1.94
C VAL B 674 14.95 -38.17 -1.98
N PHE B 675 14.67 -39.46 -1.78
CA PHE B 675 13.30 -40.04 -1.75
C PHE B 675 12.47 -39.33 -0.66
N ILE B 676 13.00 -39.27 0.56
CA ILE B 676 12.33 -38.68 1.76
C ILE B 676 12.05 -37.20 1.48
N LEU B 677 13.05 -36.45 0.99
CA LEU B 677 12.93 -35.01 0.64
C LEU B 677 11.77 -34.81 -0.33
N ILE B 678 11.70 -35.62 -1.39
CA ILE B 678 10.64 -35.53 -2.46
C ILE B 678 9.31 -36.02 -1.89
N PHE B 679 9.32 -37.12 -1.13
CA PHE B 679 8.14 -37.75 -0.47
C PHE B 679 7.46 -36.72 0.44
N LEU B 680 8.16 -36.26 1.49
CA LEU B 680 7.61 -35.34 2.53
C LEU B 680 7.27 -33.98 1.92
N GLU B 681 7.94 -33.57 0.84
CA GLU B 681 7.59 -32.35 0.07
C GLU B 681 6.28 -32.59 -0.68
N SER B 682 6.26 -33.61 -1.55
CA SER B 682 5.18 -33.86 -2.55
C SER B 682 3.89 -34.30 -1.86
N GLN B 683 3.98 -35.19 -0.87
CA GLN B 683 2.81 -35.83 -0.21
C GLN B 683 2.12 -34.81 0.70
N ILE B 684 2.87 -34.12 1.55
CA ILE B 684 2.31 -33.10 2.49
C ILE B 684 1.67 -31.98 1.66
N THR B 685 2.30 -31.57 0.56
CA THR B 685 1.74 -30.61 -0.42
C THR B 685 0.37 -31.11 -0.90
N THR B 686 0.26 -32.40 -1.24
CA THR B 686 -0.97 -33.04 -1.78
C THR B 686 -2.08 -33.01 -0.73
N LEU B 687 -1.75 -33.30 0.54
CA LEU B 687 -2.69 -33.25 1.69
C LEU B 687 -3.27 -31.83 1.82
N ILE B 688 -2.40 -30.82 1.76
CA ILE B 688 -2.76 -29.38 1.94
C ILE B 688 -3.64 -28.93 0.77
N VAL B 689 -3.25 -29.25 -0.46
CA VAL B 689 -3.97 -28.87 -1.71
C VAL B 689 -5.33 -29.60 -1.74
N SER B 690 -5.36 -30.87 -1.34
CA SER B 690 -6.58 -31.72 -1.27
C SER B 690 -7.02 -31.88 0.20
N LYS B 691 -7.37 -30.76 0.84
CA LYS B 691 -8.00 -30.71 2.19
C LYS B 691 -9.51 -30.73 2.02
N PRO B 692 -10.30 -31.23 3.00
CA PRO B 692 -11.76 -31.25 2.89
C PRO B 692 -12.42 -29.86 2.80
N GLU B 693 -11.87 -28.87 3.50
CA GLU B 693 -12.40 -27.48 3.58
C GLU B 693 -12.44 -26.85 2.17
N ARG B 694 -11.44 -27.12 1.32
CA ARG B 694 -11.46 -26.75 -0.12
C ARG B 694 -12.40 -27.71 -0.85
N LYS B 695 -13.21 -27.19 -1.77
CA LYS B 695 -14.21 -27.98 -2.54
C LYS B 695 -13.48 -28.79 -3.61
N MET B 696 -12.88 -29.92 -3.21
CA MET B 696 -12.12 -30.86 -4.08
C MET B 696 -13.04 -32.03 -4.47
N VAL B 697 -13.77 -31.88 -5.57
CA VAL B 697 -14.81 -32.85 -6.05
C VAL B 697 -14.12 -34.09 -6.63
N LYS B 698 -12.99 -33.91 -7.33
CA LYS B 698 -12.28 -34.99 -8.07
C LYS B 698 -11.64 -35.97 -7.08
N GLY B 699 -10.98 -35.45 -6.04
CA GLY B 699 -10.25 -36.22 -5.02
C GLY B 699 -8.75 -36.10 -5.22
N SER B 700 -7.99 -37.12 -4.78
CA SER B 700 -6.51 -37.17 -4.87
C SER B 700 -6.02 -38.62 -4.84
N GLY B 701 -4.90 -38.88 -5.51
CA GLY B 701 -4.21 -40.20 -5.56
C GLY B 701 -2.74 -40.08 -5.21
N PHE B 702 -2.38 -40.41 -3.98
CA PHE B 702 -1.03 -40.21 -3.39
C PHE B 702 -0.03 -41.23 -3.95
N HIS B 703 -0.49 -42.45 -4.26
CA HIS B 703 0.35 -43.58 -4.74
C HIS B 703 0.87 -43.27 -6.15
N LEU B 704 -0.02 -42.84 -7.05
CA LEU B 704 0.32 -42.49 -8.46
C LEU B 704 1.17 -41.21 -8.49
N ASP B 705 0.90 -40.24 -7.62
CA ASP B 705 1.64 -38.95 -7.55
C ASP B 705 3.08 -39.21 -7.11
N LEU B 706 3.28 -40.01 -6.05
CA LEU B 706 4.62 -40.37 -5.52
C LEU B 706 5.39 -41.19 -6.56
N LEU B 707 4.70 -42.07 -7.30
CA LEU B 707 5.28 -42.92 -8.38
C LEU B 707 5.87 -42.02 -9.47
N LEU B 708 5.04 -41.14 -10.05
CA LEU B 708 5.40 -40.26 -11.19
C LEU B 708 6.53 -39.30 -10.79
N VAL B 709 6.32 -38.51 -9.72
CA VAL B 709 7.23 -37.42 -9.27
C VAL B 709 8.65 -37.99 -9.06
N VAL B 710 8.76 -39.12 -8.35
CA VAL B 710 10.06 -39.76 -8.00
C VAL B 710 10.57 -40.58 -9.19
N GLY B 711 9.68 -41.31 -9.87
CA GLY B 711 10.01 -42.18 -11.03
C GLY B 711 10.58 -41.39 -12.18
N MET B 712 9.92 -40.30 -12.58
CA MET B 712 10.36 -39.38 -13.66
C MET B 712 11.71 -38.74 -13.28
N GLY B 713 11.87 -38.38 -12.00
CA GLY B 713 13.09 -37.75 -11.45
C GLY B 713 14.30 -38.66 -11.60
N GLY B 714 14.19 -39.92 -11.17
CA GLY B 714 15.25 -40.93 -11.30
C GLY B 714 15.60 -41.21 -12.75
N VAL B 715 14.62 -41.20 -13.64
CA VAL B 715 14.80 -41.35 -15.12
C VAL B 715 15.45 -40.08 -15.67
N ALA B 716 15.05 -38.89 -15.17
CA ALA B 716 15.57 -37.58 -15.60
C ALA B 716 17.08 -37.49 -15.31
N ALA B 717 17.55 -38.11 -14.22
CA ALA B 717 18.98 -38.17 -13.82
C ALA B 717 19.82 -38.78 -14.95
N LEU B 718 19.29 -39.82 -15.63
CA LEU B 718 19.95 -40.51 -16.78
C LEU B 718 20.43 -39.49 -17.82
N PHE B 719 19.62 -38.46 -18.09
CA PHE B 719 19.92 -37.37 -19.06
C PHE B 719 20.59 -36.19 -18.33
N GLY B 720 21.13 -36.39 -17.13
CA GLY B 720 21.84 -35.31 -16.42
C GLY B 720 20.99 -34.09 -16.19
N MET B 721 19.69 -34.27 -15.95
CA MET B 721 18.75 -33.16 -15.64
C MET B 721 18.23 -33.37 -14.22
N PRO B 722 17.84 -32.31 -13.47
CA PRO B 722 17.51 -32.47 -12.05
C PRO B 722 16.19 -33.22 -11.87
N TRP B 723 16.12 -34.10 -10.88
CA TRP B 723 14.85 -34.65 -10.34
C TRP B 723 14.10 -33.51 -9.64
N LEU B 724 12.77 -33.49 -9.77
CA LEU B 724 11.88 -32.44 -9.22
C LEU B 724 11.09 -33.01 -8.05
N SER B 725 10.30 -32.14 -7.40
CA SER B 725 9.28 -32.49 -6.38
C SER B 725 7.99 -31.73 -6.70
N ALA B 726 6.92 -31.97 -5.93
CA ALA B 726 5.67 -31.17 -5.96
C ALA B 726 5.78 -30.11 -4.85
N THR B 727 6.31 -28.93 -5.20
CA THR B 727 6.51 -27.76 -4.31
C THR B 727 5.15 -27.21 -3.86
N THR B 728 5.05 -26.83 -2.58
CA THR B 728 3.76 -26.48 -1.93
C THR B 728 3.27 -25.11 -2.43
N VAL B 729 4.09 -24.07 -2.37
CA VAL B 729 3.67 -22.66 -2.66
C VAL B 729 3.04 -22.59 -4.05
N ARG B 730 3.76 -23.04 -5.08
CA ARG B 730 3.31 -23.01 -6.50
C ARG B 730 2.10 -23.92 -6.72
N SER B 731 2.01 -25.04 -5.99
CA SER B 731 0.88 -26.01 -6.03
C SER B 731 -0.31 -25.34 -5.35
N VAL B 732 -0.10 -24.82 -4.12
CA VAL B 732 -1.11 -24.08 -3.32
C VAL B 732 -1.60 -22.89 -4.15
N THR B 733 -0.68 -22.05 -4.62
CA THR B 733 -0.93 -20.84 -5.46
C THR B 733 -1.81 -21.23 -6.66
N HIS B 734 -1.51 -22.35 -7.31
CA HIS B 734 -2.20 -22.86 -8.53
C HIS B 734 -3.65 -23.23 -8.19
N ALA B 735 -3.85 -23.91 -7.06
CA ALA B 735 -5.19 -24.27 -6.52
C ALA B 735 -5.93 -22.99 -6.09
N ASN B 736 -5.26 -22.13 -5.32
CA ASN B 736 -5.80 -20.84 -4.79
C ASN B 736 -6.26 -19.95 -5.96
N ALA B 737 -5.50 -19.92 -7.05
CA ALA B 737 -5.81 -19.13 -8.27
C ALA B 737 -7.03 -19.72 -8.99
N LEU B 738 -7.26 -21.02 -8.85
CA LEU B 738 -8.40 -21.77 -9.46
C LEU B 738 -9.58 -21.87 -8.48
N THR B 739 -9.34 -21.74 -7.18
CA THR B 739 -10.37 -21.70 -6.09
C THR B 739 -11.21 -20.43 -6.24
N VAL B 740 -12.53 -20.58 -6.43
CA VAL B 740 -13.51 -19.44 -6.56
C VAL B 740 -14.05 -19.11 -5.17
N MET B 741 -14.47 -17.85 -4.98
CA MET B 741 -15.04 -17.32 -3.71
C MET B 741 -16.37 -16.62 -4.02
N GLY B 742 -17.31 -16.63 -3.06
CA GLY B 742 -18.65 -16.03 -3.20
C GLY B 742 -19.13 -15.39 -1.90
N LYS B 743 -20.17 -14.54 -1.98
CA LYS B 743 -20.79 -13.80 -0.85
C LYS B 743 -19.77 -12.84 -0.24
N ALA B 751 -17.06 -14.66 3.45
CA ALA B 751 -17.03 -15.42 2.17
C ALA B 751 -16.60 -16.87 2.42
N GLN B 752 -16.94 -17.77 1.48
CA GLN B 752 -16.64 -19.22 1.52
C GLN B 752 -16.30 -19.73 0.11
N ILE B 753 -15.90 -21.00 -0.01
CA ILE B 753 -15.53 -21.68 -1.29
C ILE B 753 -16.77 -22.39 -1.84
N GLN B 754 -16.97 -22.33 -3.16
CA GLN B 754 -18.17 -22.88 -3.87
C GLN B 754 -17.74 -24.04 -4.78
N GLU B 755 -16.82 -23.79 -5.70
CA GLU B 755 -16.20 -24.80 -6.60
C GLU B 755 -14.75 -24.51 -7.01
N VAL B 756 -13.82 -25.39 -6.66
CA VAL B 756 -12.37 -25.29 -7.03
C VAL B 756 -12.25 -25.89 -8.44
N LYS B 757 -11.78 -25.10 -9.41
CA LYS B 757 -11.63 -25.51 -10.84
C LYS B 757 -10.50 -26.54 -10.93
N GLU B 758 -10.85 -27.83 -11.01
CA GLU B 758 -9.89 -28.97 -11.06
C GLU B 758 -9.78 -29.45 -12.52
N GLN B 759 -8.60 -29.28 -13.13
CA GLN B 759 -8.31 -29.68 -14.53
C GLN B 759 -6.79 -29.83 -14.73
N ARG B 760 -6.38 -30.31 -15.91
CA ARG B 760 -4.98 -30.66 -16.28
C ARG B 760 -4.33 -29.58 -17.16
N ILE B 761 -5.12 -28.90 -17.99
CA ILE B 761 -4.62 -27.96 -19.06
C ILE B 761 -3.86 -26.79 -18.42
N SER B 762 -4.25 -26.39 -17.21
CA SER B 762 -3.57 -25.33 -16.40
C SER B 762 -2.14 -25.78 -16.08
N GLY B 763 -1.99 -26.92 -15.38
CA GLY B 763 -0.70 -27.53 -15.03
C GLY B 763 0.14 -27.90 -16.26
N LEU B 764 -0.52 -28.27 -17.36
CA LEU B 764 0.12 -28.58 -18.66
C LEU B 764 0.73 -27.29 -19.24
N LEU B 765 -0.11 -26.29 -19.52
CA LEU B 765 0.27 -25.03 -20.24
C LEU B 765 1.39 -24.29 -19.49
N VAL B 766 1.46 -24.40 -18.16
CA VAL B 766 2.57 -23.86 -17.32
C VAL B 766 3.88 -24.53 -17.75
N ALA B 767 3.91 -25.87 -17.78
CA ALA B 767 5.09 -26.69 -18.14
C ALA B 767 5.48 -26.45 -19.61
N VAL B 768 4.50 -26.33 -20.50
CA VAL B 768 4.71 -26.04 -21.95
C VAL B 768 5.42 -24.69 -22.09
N LEU B 769 4.95 -23.66 -21.39
CA LEU B 769 5.53 -22.28 -21.41
C LEU B 769 6.96 -22.30 -20.85
N VAL B 770 7.20 -23.03 -19.75
CA VAL B 770 8.55 -23.20 -19.12
C VAL B 770 9.48 -23.90 -20.11
N GLY B 771 8.95 -24.81 -20.95
CA GLY B 771 9.67 -25.41 -22.08
C GLY B 771 10.01 -24.38 -23.15
N LEU B 772 9.06 -23.52 -23.50
CA LEU B 772 9.19 -22.49 -24.56
C LEU B 772 9.88 -21.22 -24.03
N SER B 773 10.21 -21.16 -22.72
CA SER B 773 10.80 -19.99 -22.02
C SER B 773 12.07 -19.49 -22.74
N ILE B 774 12.90 -20.40 -23.27
CA ILE B 774 14.16 -20.08 -23.99
C ILE B 774 13.83 -19.45 -25.35
N LEU B 775 12.81 -19.97 -26.05
CA LEU B 775 12.39 -19.50 -27.40
C LEU B 775 11.75 -18.10 -27.31
N MET B 776 11.04 -17.80 -26.22
CA MET B 776 10.29 -16.53 -26.00
C MET B 776 11.13 -15.56 -25.15
N GLU B 777 12.44 -15.45 -25.44
CA GLU B 777 13.40 -14.58 -24.72
C GLU B 777 13.07 -13.09 -24.95
N PRO B 778 12.72 -12.65 -26.18
CA PRO B 778 12.37 -11.24 -26.42
C PRO B 778 11.23 -10.69 -25.56
N ILE B 779 10.27 -11.52 -25.18
CA ILE B 779 9.10 -11.16 -24.32
C ILE B 779 9.56 -11.08 -22.86
N LEU B 780 10.34 -12.06 -22.40
CA LEU B 780 10.83 -12.16 -20.99
C LEU B 780 11.87 -11.07 -20.72
N SER B 781 12.67 -10.70 -21.73
CA SER B 781 13.79 -9.72 -21.63
C SER B 781 13.33 -8.34 -21.15
N ARG B 782 12.04 -8.01 -21.30
CA ARG B 782 11.44 -6.71 -20.88
C ARG B 782 10.70 -6.84 -19.54
N ILE B 783 10.81 -8.00 -18.85
CA ILE B 783 10.16 -8.27 -17.54
C ILE B 783 11.23 -8.17 -16.46
N PRO B 784 11.19 -7.15 -15.56
CA PRO B 784 12.12 -7.08 -14.43
C PRO B 784 11.84 -8.15 -13.37
N LEU B 785 12.89 -8.58 -12.65
CA LEU B 785 12.77 -9.53 -11.51
C LEU B 785 12.12 -8.81 -10.32
N ALA B 786 12.37 -7.50 -10.19
CA ALA B 786 11.73 -6.59 -9.21
C ALA B 786 10.20 -6.75 -9.25
N VAL B 787 9.62 -6.76 -10.45
CA VAL B 787 8.15 -6.95 -10.68
C VAL B 787 7.75 -8.33 -10.16
N LEU B 788 8.52 -9.36 -10.51
CA LEU B 788 8.31 -10.78 -10.11
C LEU B 788 8.38 -10.90 -8.57
N PHE B 789 9.23 -10.13 -7.91
CA PHE B 789 9.42 -10.17 -6.43
C PHE B 789 8.14 -9.67 -5.73
N GLY B 790 7.43 -8.71 -6.34
CA GLY B 790 6.12 -8.24 -5.88
C GLY B 790 5.11 -9.37 -5.83
N ILE B 791 5.14 -10.24 -6.84
CA ILE B 791 4.19 -11.39 -7.01
C ILE B 791 4.56 -12.53 -6.06
N PHE B 792 5.85 -12.76 -5.81
CA PHE B 792 6.33 -13.80 -4.85
C PHE B 792 5.95 -13.42 -3.42
N LEU B 793 5.89 -12.13 -3.10
CA LEU B 793 5.44 -11.63 -1.78
C LEU B 793 3.93 -11.83 -1.64
N TYR B 794 3.17 -11.57 -2.72
CA TYR B 794 1.71 -11.80 -2.81
C TYR B 794 1.42 -13.29 -2.61
N MET B 795 2.10 -14.14 -3.38
CA MET B 795 2.05 -15.63 -3.28
C MET B 795 2.36 -16.08 -1.84
N GLY B 796 3.30 -15.42 -1.17
CA GLY B 796 3.71 -15.71 0.22
C GLY B 796 2.57 -15.50 1.21
N VAL B 797 1.84 -14.39 1.10
CA VAL B 797 0.72 -14.01 2.01
C VAL B 797 -0.54 -14.76 1.58
N THR B 798 -0.75 -14.94 0.27
CA THR B 798 -1.87 -15.70 -0.35
C THR B 798 -1.84 -17.16 0.10
N SER B 799 -0.65 -17.75 0.27
CA SER B 799 -0.44 -19.16 0.70
C SER B 799 -0.87 -19.36 2.16
N LEU B 800 -0.83 -18.30 2.98
CA LEU B 800 -1.18 -18.33 4.43
C LEU B 800 -2.69 -18.09 4.65
N SER B 801 -3.51 -18.17 3.61
CA SER B 801 -4.96 -17.81 3.63
C SER B 801 -5.74 -18.79 4.52
N GLY B 802 -5.67 -20.09 4.21
CA GLY B 802 -6.46 -21.15 4.87
C GLY B 802 -5.63 -22.02 5.78
N ILE B 803 -4.69 -21.43 6.53
CA ILE B 803 -3.80 -22.12 7.50
C ILE B 803 -4.25 -21.73 8.92
N GLN B 804 -4.76 -22.70 9.70
CA GLN B 804 -5.31 -22.47 11.06
C GLN B 804 -4.22 -22.02 12.03
N LEU B 805 -2.95 -22.36 11.76
CA LEU B 805 -1.78 -21.97 12.61
C LEU B 805 -1.60 -20.46 12.52
N PHE B 806 -1.47 -19.91 11.31
CA PHE B 806 -1.40 -18.45 11.02
C PHE B 806 -2.64 -17.76 11.59
N ASP B 807 -3.83 -18.31 11.34
CA ASP B 807 -5.13 -17.79 11.84
C ASP B 807 -5.15 -17.82 13.37
N ARG B 808 -4.47 -18.80 14.00
CA ARG B 808 -4.31 -18.89 15.48
C ARG B 808 -3.18 -17.96 15.95
N ILE B 809 -2.17 -17.71 15.11
CA ILE B 809 -1.07 -16.74 15.41
C ILE B 809 -1.64 -15.32 15.45
N LEU B 810 -2.65 -15.03 14.63
CA LEU B 810 -3.39 -13.74 14.64
C LEU B 810 -4.07 -13.51 16.00
N LEU B 811 -4.54 -14.58 16.66
CA LEU B 811 -5.33 -14.51 17.91
C LEU B 811 -4.36 -14.20 19.06
N LEU B 812 -3.04 -14.39 18.88
CA LEU B 812 -2.01 -14.05 19.90
C LEU B 812 -2.08 -12.56 20.26
N PHE B 813 -2.27 -11.69 19.25
CA PHE B 813 -2.34 -10.22 19.40
C PHE B 813 -3.75 -9.68 19.63
N LYS B 814 -4.78 -10.34 19.08
CA LYS B 814 -6.22 -10.05 19.39
C LYS B 814 -6.47 -10.26 20.87
N PRO B 815 -7.31 -9.42 21.54
CA PRO B 815 -7.83 -9.75 22.86
C PRO B 815 -8.78 -10.95 22.82
N PRO B 816 -9.00 -11.66 23.95
CA PRO B 816 -9.83 -12.87 23.96
C PRO B 816 -11.32 -12.64 23.67
N LYS B 817 -11.81 -11.41 23.87
CA LYS B 817 -13.22 -11.00 23.65
C LYS B 817 -13.58 -11.10 22.16
N TYR B 818 -12.64 -10.77 21.26
CA TYR B 818 -12.86 -10.58 19.81
C TYR B 818 -12.48 -11.82 18.98
N HIS B 819 -12.12 -12.94 19.62
CA HIS B 819 -11.69 -14.19 18.94
C HIS B 819 -12.84 -14.75 18.10
N PRO B 820 -12.53 -15.43 16.96
CA PRO B 820 -13.57 -15.90 16.04
C PRO B 820 -14.40 -17.07 16.61
N ASP B 821 -15.65 -17.17 16.18
CA ASP B 821 -16.63 -18.20 16.63
C ASP B 821 -16.31 -19.52 15.91
N VAL B 822 -15.29 -20.23 16.37
CA VAL B 822 -14.81 -21.53 15.81
C VAL B 822 -14.72 -22.56 16.95
N PRO B 823 -14.87 -23.87 16.66
CA PRO B 823 -14.84 -24.91 17.69
C PRO B 823 -13.66 -24.82 18.68
N TYR B 824 -12.45 -24.58 18.19
CA TYR B 824 -11.20 -24.57 19.00
C TYR B 824 -11.10 -23.29 19.84
N VAL B 825 -11.95 -22.29 19.60
CA VAL B 825 -12.10 -21.06 20.43
C VAL B 825 -13.21 -21.30 21.47
N LYS B 826 -14.34 -21.90 21.06
CA LYS B 826 -15.54 -22.13 21.91
C LYS B 826 -15.29 -23.27 22.90
N ARG B 827 -14.88 -24.44 22.39
CA ARG B 827 -14.83 -25.72 23.15
C ARG B 827 -13.55 -25.81 23.99
N VAL B 828 -12.46 -25.17 23.55
CA VAL B 828 -11.14 -25.12 24.27
C VAL B 828 -11.00 -23.76 24.94
N LYS B 829 -10.25 -23.71 26.05
CA LYS B 829 -9.89 -22.46 26.77
C LYS B 829 -8.86 -21.68 25.95
N THR B 830 -8.91 -20.34 26.01
CA THR B 830 -8.05 -19.39 25.26
C THR B 830 -6.59 -19.56 25.68
N TRP B 831 -6.32 -19.70 26.98
CA TRP B 831 -4.96 -19.80 27.56
C TRP B 831 -4.30 -21.13 27.16
N ARG B 832 -5.10 -22.19 26.98
CA ARG B 832 -4.65 -23.52 26.51
C ARG B 832 -4.53 -23.52 24.98
N MET B 833 -5.43 -22.81 24.28
CA MET B 833 -5.46 -22.70 22.80
C MET B 833 -4.21 -21.98 22.29
N HIS B 834 -3.70 -20.99 23.04
CA HIS B 834 -2.47 -20.23 22.70
C HIS B 834 -1.22 -21.08 22.97
N LEU B 835 -1.23 -21.91 24.02
CA LEU B 835 -0.11 -22.82 24.37
C LEU B 835 0.12 -23.82 23.23
N PHE B 836 -0.96 -24.34 22.63
CA PHE B 836 -0.82 -25.23 21.46
C PHE B 836 -0.17 -24.44 20.34
N THR B 837 -0.73 -23.26 20.01
CA THR B 837 -0.19 -22.37 18.96
C THR B 837 1.28 -22.02 19.27
N GLY B 838 1.61 -21.86 20.55
CA GLY B 838 2.98 -21.56 21.03
C GLY B 838 3.94 -22.70 20.77
N ILE B 839 3.52 -23.95 21.00
CA ILE B 839 4.36 -25.18 20.83
C ILE B 839 4.70 -25.36 19.34
N GLN B 840 3.81 -24.94 18.43
CA GLN B 840 4.05 -24.98 16.96
C GLN B 840 5.13 -23.96 16.57
N ILE B 841 5.25 -22.84 17.29
CA ILE B 841 6.31 -21.81 17.08
C ILE B 841 7.65 -22.38 17.58
N ILE B 842 7.63 -23.13 18.68
CA ILE B 842 8.82 -23.86 19.22
C ILE B 842 9.35 -24.82 18.13
N CYS B 843 8.45 -25.49 17.39
CA CYS B 843 8.79 -26.37 16.24
C CYS B 843 9.40 -25.54 15.11
N LEU B 844 8.66 -24.53 14.62
CA LEU B 844 9.08 -23.59 13.53
C LEU B 844 10.47 -23.00 13.84
N ALA B 845 10.70 -22.59 15.09
CA ALA B 845 11.99 -22.06 15.59
C ALA B 845 13.10 -23.09 15.35
N VAL B 846 12.91 -24.32 15.84
CA VAL B 846 13.86 -25.46 15.68
C VAL B 846 14.01 -25.77 14.18
N LEU B 847 12.89 -25.84 13.44
CA LEU B 847 12.86 -26.09 11.97
C LEU B 847 13.68 -25.01 11.24
N TRP B 848 13.61 -23.75 11.67
CA TRP B 848 14.34 -22.62 11.01
C TRP B 848 15.83 -22.67 11.37
N VAL B 849 16.19 -23.12 12.58
CA VAL B 849 17.60 -23.24 13.05
C VAL B 849 18.32 -24.32 12.22
N VAL B 850 17.65 -25.44 11.93
CA VAL B 850 18.22 -26.59 11.16
C VAL B 850 18.46 -26.14 9.71
N LYS B 851 17.61 -25.25 9.18
CA LYS B 851 17.70 -24.69 7.80
C LYS B 851 19.04 -23.95 7.63
N SER B 852 19.47 -23.16 8.62
CA SER B 852 20.67 -22.31 8.57
C SER B 852 21.95 -23.13 8.81
N THR B 853 21.93 -24.06 9.76
CA THR B 853 23.10 -24.90 10.17
C THR B 853 23.53 -25.79 9.01
N PRO B 854 24.78 -26.32 9.01
CA PRO B 854 25.26 -27.19 7.94
C PRO B 854 24.37 -28.40 7.64
N ALA B 855 23.87 -29.07 8.68
CA ALA B 855 22.96 -30.24 8.60
C ALA B 855 21.56 -29.76 8.21
N SER B 856 21.40 -29.33 6.95
CA SER B 856 20.15 -28.75 6.37
C SER B 856 19.28 -29.85 5.76
N LEU B 857 19.88 -30.93 5.26
CA LEU B 857 19.17 -32.10 4.67
C LEU B 857 18.65 -33.04 5.78
N ALA B 858 18.80 -32.68 7.06
CA ALA B 858 18.21 -33.36 8.23
C ALA B 858 16.81 -32.81 8.55
N LEU B 859 16.36 -31.77 7.84
CA LEU B 859 15.04 -31.10 8.05
C LEU B 859 13.88 -32.07 7.87
N PRO B 860 13.87 -32.94 6.84
CA PRO B 860 12.78 -33.92 6.67
C PRO B 860 12.60 -34.84 7.88
N PHE B 861 13.71 -35.23 8.52
CA PHE B 861 13.74 -36.13 9.71
C PHE B 861 13.26 -35.37 10.96
N VAL B 862 13.48 -34.05 11.02
CA VAL B 862 12.98 -33.15 12.11
C VAL B 862 11.49 -32.85 11.85
N LEU B 863 11.08 -32.75 10.57
CA LEU B 863 9.66 -32.54 10.18
C LEU B 863 8.83 -33.80 10.45
N ILE B 864 9.40 -34.99 10.24
CA ILE B 864 8.68 -36.30 10.46
C ILE B 864 8.73 -36.66 11.95
N LEU B 865 9.54 -35.96 12.75
CA LEU B 865 9.55 -36.05 14.24
C LEU B 865 8.39 -35.21 14.82
N THR B 866 7.79 -34.34 14.02
CA THR B 866 6.56 -33.55 14.36
C THR B 866 5.40 -34.49 14.69
N VAL B 867 5.27 -35.61 13.97
CA VAL B 867 4.16 -36.60 14.14
C VAL B 867 4.26 -37.22 15.53
N PRO B 868 5.38 -37.88 15.93
CA PRO B 868 5.58 -38.33 17.31
C PRO B 868 5.12 -37.36 18.41
N LEU B 869 5.40 -36.06 18.26
CA LEU B 869 4.90 -35.08 19.26
C LEU B 869 3.36 -35.12 19.25
N ARG B 870 2.75 -34.76 18.13
CA ARG B 870 1.26 -34.71 18.04
C ARG B 870 0.66 -36.05 18.47
N ARG B 871 1.45 -37.13 18.40
CA ARG B 871 0.92 -38.48 18.74
C ARG B 871 1.17 -38.85 20.21
N VAL B 872 2.24 -38.34 20.80
CA VAL B 872 2.60 -38.73 22.20
C VAL B 872 2.59 -37.50 23.12
N LEU B 873 3.56 -36.59 22.96
CA LEU B 873 3.67 -35.43 23.90
C LEU B 873 2.45 -34.52 23.98
N LEU B 874 1.94 -34.06 22.83
CA LEU B 874 0.76 -33.15 22.80
C LEU B 874 -0.41 -33.81 23.54
N PRO B 875 -0.87 -35.02 23.15
CA PRO B 875 -1.94 -35.70 23.87
C PRO B 875 -1.58 -35.83 25.35
N LEU B 876 -0.30 -36.08 25.64
CA LEU B 876 0.13 -36.27 27.04
C LEU B 876 -0.06 -34.97 27.84
N ILE B 877 0.05 -33.81 27.19
CA ILE B 877 -0.03 -32.51 27.92
C ILE B 877 -1.39 -31.85 27.66
N PHE B 878 -2.24 -32.47 26.84
CA PHE B 878 -3.53 -31.83 26.48
C PHE B 878 -4.70 -32.78 26.74
N ARG B 879 -5.93 -32.28 26.57
CA ARG B 879 -7.15 -33.13 26.74
C ARG B 879 -7.64 -33.49 25.33
N ASN B 880 -8.17 -34.71 25.15
CA ASN B 880 -8.56 -35.27 23.82
C ASN B 880 -9.56 -34.34 23.12
N VAL B 881 -10.50 -33.75 23.87
CA VAL B 881 -11.56 -32.84 23.35
C VAL B 881 -10.90 -31.66 22.63
N GLU B 882 -9.79 -31.16 23.17
CA GLU B 882 -9.02 -30.00 22.64
C GLU B 882 -8.35 -30.36 21.30
N LEU B 883 -7.66 -31.50 21.25
CA LEU B 883 -6.97 -31.92 20.01
C LEU B 883 -8.00 -32.02 18.87
N GLN B 884 -9.05 -32.81 19.07
CA GLN B 884 -10.09 -33.03 18.02
C GLN B 884 -10.51 -31.66 17.48
N CYS B 885 -10.74 -30.69 18.36
CA CYS B 885 -11.19 -29.31 18.03
C CYS B 885 -10.06 -28.54 17.33
N LEU B 886 -8.87 -28.50 17.95
CA LEU B 886 -7.66 -27.80 17.43
C LEU B 886 -7.21 -28.46 16.12
N ASP B 887 -6.86 -29.75 16.20
CA ASP B 887 -6.37 -30.58 15.05
C ASP B 887 -7.53 -31.42 14.52
N ALA B 888 -8.28 -30.89 13.56
CA ALA B 888 -9.41 -31.55 12.88
C ALA B 888 -9.04 -31.84 11.43
N ASP B 889 -9.56 -32.94 10.87
CA ASP B 889 -9.37 -33.34 9.45
C ASP B 889 -10.10 -32.32 8.55
N ASP B 890 -11.35 -32.01 8.89
CA ASP B 890 -12.23 -31.03 8.19
C ASP B 890 -12.62 -29.92 9.16
N ALA B 891 -13.28 -28.87 8.65
CA ALA B 891 -13.76 -27.69 9.41
C ALA B 891 -15.28 -27.79 9.62
#